data_9Q2Q
#
_entry.id   9Q2Q
#
_cell.length_a   1.00
_cell.length_b   1.00
_cell.length_c   1.00
_cell.angle_alpha   90.00
_cell.angle_beta   90.00
_cell.angle_gamma   90.00
#
_symmetry.space_group_name_H-M   'P 1'
#
loop_
_entity.id
_entity.type
_entity.pdbx_description
1 polymer 'Phenol-soluble modulin export ABC transporter permease subunit PmtD'
2 polymer 'ABC transporter ATP-binding protein'
#
loop_
_entity_poly.entity_id
_entity_poly.type
_entity_poly.pdbx_seq_one_letter_code
_entity_poly.pdbx_strand_id
1 'polypeptide(L)'
;RGSHRILNLVKYDLYSIFKSPLTYLAILVVSSLIATQSILMANSMDNPKHIIVYGSVFAAAKWLLLIIGLMFVVKTITRD
FSQGTIQLYMSKVKTRVGYIISKTISIILISILFALIHYVILIVVQASSNGKNLAFSKYVDNLWFFLIFLLFFGLFLFLI
TLASQKTAMIFSLGVFLVLIVPFIKPFITFIPRYGEKVLDAFDYIPFAYLTDKMISSNFDFSNWQWVISLGSIVIFFILN
ILYVAKKDI
;
A,B
2 'polypeptide(L)'
;MKLEHITKKYGSNVVLNDIDFDFGDSRIVGLIGKNGVGKTTVMKVMNGNIIKFDGKVDIDNADNIGFLIEHPKLYDNKSG
LYNLKLFAQVLGKGFDKAYTDKIIDAFGMRPYIKKKVKKYSMGMKQKLAIAVSLMNKPKFLILDEPTNGMDPDGSIDVLT
TIKSLVNELDMRILISSHKLEDIELICDRAVFLRDGHFVQDVNMEEGVASDTTIVTVDHKDFDRTEKYLAEHFQLQNVDK
ADGHLMINAQKNYQVILKALSELDIYPKYIETRKSSLRDTYFNINQRGDK
;
C,D
#
# COMPACT_ATOMS: atom_id res chain seq x y z
N ARG A 1 -18.65 -25.56 -15.55
CA ARG A 1 -17.78 -26.69 -15.29
C ARG A 1 -16.32 -26.32 -15.53
N GLY A 2 -15.44 -27.32 -15.54
CA GLY A 2 -14.03 -27.06 -15.81
C GLY A 2 -13.77 -26.51 -17.20
N SER A 3 -14.53 -27.00 -18.19
CA SER A 3 -14.40 -26.50 -19.56
C SER A 3 -14.77 -25.02 -19.65
N HIS A 4 -15.86 -24.63 -18.99
CA HIS A 4 -16.24 -23.22 -19.00
C HIS A 4 -15.23 -22.35 -18.24
N ARG A 5 -14.74 -22.83 -17.08
CA ARG A 5 -13.72 -22.06 -16.35
C ARG A 5 -12.42 -21.87 -17.13
N ILE A 6 -12.00 -22.89 -17.90
CA ILE A 6 -10.79 -22.73 -18.71
C ILE A 6 -11.06 -21.79 -19.88
N LEU A 7 -12.23 -21.93 -20.54
CA LEU A 7 -12.42 -21.13 -21.74
C LEU A 7 -12.63 -19.67 -21.38
N ASN A 8 -13.27 -19.40 -20.22
CA ASN A 8 -13.50 -18.00 -19.87
C ASN A 8 -12.18 -17.34 -19.46
N LEU A 9 -11.30 -18.09 -18.76
CA LEU A 9 -10.00 -17.52 -18.41
C LEU A 9 -9.13 -17.22 -19.64
N VAL A 10 -9.09 -18.14 -20.61
CA VAL A 10 -8.33 -17.87 -21.84
C VAL A 10 -8.96 -16.71 -22.63
N LYS A 11 -10.30 -16.67 -22.68
CA LYS A 11 -11.02 -15.61 -23.38
C LYS A 11 -10.73 -14.24 -22.78
N TYR A 12 -10.73 -14.15 -21.44
CA TYR A 12 -10.45 -12.86 -20.80
C TYR A 12 -9.00 -12.45 -20.96
N ASP A 13 -8.08 -13.43 -20.95
CA ASP A 13 -6.67 -13.12 -21.24
C ASP A 13 -6.50 -12.56 -22.66
N LEU A 14 -7.19 -13.16 -23.63
CA LEU A 14 -7.16 -12.65 -25.00
C LEU A 14 -7.77 -11.26 -25.10
N TYR A 15 -8.89 -11.03 -24.40
CA TYR A 15 -9.54 -9.74 -24.41
C TYR A 15 -8.60 -8.69 -23.83
N SER A 16 -7.86 -9.05 -22.77
CA SER A 16 -6.94 -8.11 -22.15
C SER A 16 -5.80 -7.78 -23.11
N ILE A 17 -5.42 -8.73 -23.97
CA ILE A 17 -4.35 -8.47 -24.92
C ILE A 17 -4.82 -7.52 -26.02
N PHE A 18 -6.05 -7.71 -26.50
CA PHE A 18 -6.52 -7.00 -27.68
C PHE A 18 -6.94 -5.56 -27.40
N LYS A 19 -6.99 -5.13 -26.15
CA LYS A 19 -7.49 -3.81 -25.79
C LYS A 19 -6.41 -2.78 -25.50
N SER A 20 -5.23 -3.19 -25.05
CA SER A 20 -4.21 -2.24 -24.66
C SER A 20 -3.62 -1.54 -25.88
N PRO A 21 -3.27 -0.26 -25.78
CA PRO A 21 -2.64 0.43 -26.93
C PRO A 21 -1.17 0.11 -27.12
N LEU A 22 -0.49 -0.42 -26.11
CA LEU A 22 0.91 -0.80 -26.26
C LEU A 22 1.11 -1.92 -27.29
N THR A 23 0.12 -2.79 -27.45
CA THR A 23 0.18 -3.84 -28.47
C THR A 23 0.25 -3.25 -29.88
N TYR A 24 -0.58 -2.23 -30.15
CA TYR A 24 -0.55 -1.65 -31.48
C TYR A 24 0.56 -0.63 -31.63
N LEU A 25 1.14 -0.20 -30.51
CA LEU A 25 2.30 0.67 -30.61
C LEU A 25 3.53 -0.17 -30.89
N ALA A 26 3.62 -1.34 -30.26
CA ALA A 26 4.72 -2.25 -30.52
C ALA A 26 4.70 -2.77 -31.96
N ILE A 27 3.52 -3.14 -32.47
CA ILE A 27 3.46 -3.59 -33.87
C ILE A 27 3.85 -2.46 -34.83
N LEU A 28 3.36 -1.22 -34.59
CA LEU A 28 3.75 -0.10 -35.45
C LEU A 28 5.24 0.19 -35.41
N VAL A 29 5.85 0.22 -34.22
CA VAL A 29 7.29 0.51 -34.12
C VAL A 29 8.11 -0.59 -34.81
N VAL A 30 7.78 -1.87 -34.56
CA VAL A 30 8.54 -2.96 -35.16
C VAL A 30 8.41 -2.95 -36.67
N SER A 31 7.19 -2.76 -37.19
CA SER A 31 6.99 -2.75 -38.64
C SER A 31 7.72 -1.58 -39.29
N SER A 32 7.69 -0.40 -38.65
CA SER A 32 8.39 0.76 -39.17
C SER A 32 9.90 0.54 -39.16
N LEU A 33 10.44 0.00 -38.06
CA LEU A 33 11.87 -0.26 -37.97
C LEU A 33 12.33 -1.31 -38.98
N ILE A 34 11.57 -2.39 -39.12
CA ILE A 34 11.92 -3.45 -40.05
C ILE A 34 11.87 -2.96 -41.50
N ALA A 35 10.85 -2.15 -41.84
CA ALA A 35 10.78 -1.60 -43.20
C ALA A 35 11.93 -0.64 -43.49
N THR A 36 12.28 0.24 -42.52
CA THR A 36 13.42 1.14 -42.70
C THR A 36 14.73 0.37 -42.86
N GLN A 37 14.96 -0.63 -42.01
CA GLN A 37 16.17 -1.43 -42.11
C GLN A 37 16.28 -2.18 -43.42
N SER A 38 15.18 -2.81 -43.86
CA SER A 38 15.22 -3.56 -45.12
C SER A 38 15.47 -2.65 -46.33
N ILE A 39 14.77 -1.51 -46.39
CA ILE A 39 14.95 -0.57 -47.49
C ILE A 39 16.35 0.03 -47.49
N LEU A 40 16.83 0.45 -46.31
CA LEU A 40 18.16 1.02 -46.19
C LEU A 40 19.25 0.03 -46.57
N MET A 41 19.13 -1.23 -46.12
CA MET A 41 20.19 -2.17 -46.47
C MET A 41 20.15 -2.58 -47.93
N ALA A 42 18.97 -2.75 -48.53
CA ALA A 42 18.93 -3.18 -49.93
C ALA A 42 19.17 -2.07 -50.95
N ASN A 43 18.79 -0.83 -50.65
CA ASN A 43 18.88 0.24 -51.64
C ASN A 43 20.15 1.09 -51.54
N SER A 44 21.18 0.72 -50.76
CA SER A 44 22.29 1.67 -50.73
C SER A 44 23.72 1.14 -50.79
N MET A 45 24.03 -0.12 -50.50
CA MET A 45 25.45 -0.46 -50.41
C MET A 45 26.00 -0.89 -51.76
N ASP A 46 25.56 -2.04 -52.28
CA ASP A 46 25.97 -2.58 -53.57
C ASP A 46 25.30 -1.88 -54.75
N ASN A 47 24.03 -1.47 -54.56
CA ASN A 47 23.17 -0.88 -55.57
C ASN A 47 22.85 -1.83 -56.74
N PRO A 48 22.16 -2.95 -56.47
CA PRO A 48 21.74 -3.84 -57.55
C PRO A 48 20.48 -3.32 -58.22
N LYS A 49 19.82 -4.21 -58.97
CA LYS A 49 18.57 -3.89 -59.64
C LYS A 49 17.40 -4.28 -58.74
N HIS A 50 17.49 -3.78 -57.51
CA HIS A 50 16.50 -3.87 -56.42
C HIS A 50 16.23 -5.32 -55.97
N ILE A 51 17.24 -6.18 -56.06
CA ILE A 51 17.13 -7.56 -55.58
C ILE A 51 17.19 -7.56 -54.05
N ILE A 52 16.30 -8.30 -53.40
CA ILE A 52 16.34 -8.41 -51.94
C ILE A 52 16.36 -9.87 -51.50
N VAL A 53 17.28 -10.18 -50.59
CA VAL A 53 17.34 -11.48 -49.93
C VAL A 53 16.53 -11.40 -48.63
N TYR A 54 15.84 -12.48 -48.28
CA TYR A 54 14.90 -12.38 -47.16
C TYR A 54 15.39 -13.01 -45.85
N GLY A 55 16.61 -13.55 -45.85
CA GLY A 55 17.13 -14.15 -44.61
C GLY A 55 17.39 -13.15 -43.51
N SER A 56 17.97 -11.98 -43.86
CA SER A 56 18.26 -10.96 -42.86
C SER A 56 17.00 -10.35 -42.26
N VAL A 57 16.01 -10.04 -43.10
CA VAL A 57 14.74 -9.51 -42.59
C VAL A 57 14.02 -10.55 -41.73
N PHE A 58 14.01 -11.82 -42.18
CA PHE A 58 13.45 -12.92 -41.39
C PHE A 58 14.06 -12.98 -39.99
N ALA A 59 15.40 -13.01 -39.92
CA ALA A 59 16.08 -13.14 -38.63
C ALA A 59 15.83 -11.92 -37.73
N ALA A 60 15.93 -10.71 -38.31
CA ALA A 60 15.77 -9.50 -37.51
C ALA A 60 14.34 -9.35 -36.98
N ALA A 61 13.33 -9.53 -37.85
CA ALA A 61 11.94 -9.43 -37.43
C ALA A 61 11.61 -10.50 -36.40
N LYS A 62 12.12 -11.72 -36.60
CA LYS A 62 11.91 -12.81 -35.65
C LYS A 62 12.47 -12.45 -34.27
N TRP A 63 13.72 -11.96 -34.21
CA TRP A 63 14.34 -11.64 -32.93
C TRP A 63 13.59 -10.51 -32.19
N LEU A 64 13.27 -9.40 -32.91
CA LEU A 64 12.58 -8.28 -32.24
C LEU A 64 11.18 -8.70 -31.75
N LEU A 65 10.43 -9.40 -32.60
CA LEU A 65 9.08 -9.80 -32.23
C LEU A 65 9.09 -10.82 -31.11
N LEU A 66 10.08 -11.71 -31.08
CA LEU A 66 10.19 -12.67 -30.00
C LEU A 66 10.50 -12.01 -28.66
N ILE A 67 11.40 -11.02 -28.63
CA ILE A 67 11.73 -10.39 -27.34
C ILE A 67 10.51 -9.61 -26.82
N ILE A 68 9.73 -9.05 -27.73
CA ILE A 68 8.49 -8.39 -27.29
C ILE A 68 7.45 -9.41 -26.86
N GLY A 69 7.32 -10.51 -27.61
CA GLY A 69 6.32 -11.53 -27.26
C GLY A 69 6.64 -12.19 -25.94
N LEU A 70 7.94 -12.34 -25.65
CA LEU A 70 8.38 -12.87 -24.37
C LEU A 70 7.95 -11.95 -23.24
N MET A 71 8.11 -10.63 -23.43
CA MET A 71 7.66 -9.70 -22.40
C MET A 71 6.14 -9.72 -22.23
N PHE A 72 5.42 -9.84 -23.35
CA PHE A 72 3.95 -9.95 -23.31
C PHE A 72 3.49 -11.20 -22.56
N VAL A 73 4.22 -12.31 -22.74
CA VAL A 73 3.87 -13.54 -22.03
C VAL A 73 4.16 -13.41 -20.55
N VAL A 74 5.30 -12.79 -20.21
CA VAL A 74 5.67 -12.63 -18.80
C VAL A 74 4.64 -11.75 -18.09
N LYS A 75 4.20 -10.67 -18.76
CA LYS A 75 3.17 -9.79 -18.22
C LYS A 75 1.86 -10.53 -17.97
N THR A 76 1.43 -11.35 -18.94
CA THR A 76 0.20 -12.14 -18.79
C THR A 76 0.32 -13.11 -17.62
N ILE A 77 1.50 -13.74 -17.47
CA ILE A 77 1.72 -14.70 -16.38
C ILE A 77 1.71 -14.01 -15.02
N THR A 78 2.30 -12.81 -14.93
CA THR A 78 2.47 -12.20 -13.63
C THR A 78 1.40 -11.16 -13.26
N ARG A 79 0.38 -10.98 -14.10
CA ARG A 79 -0.70 -10.01 -13.84
C ARG A 79 -1.38 -10.23 -12.50
N ASP A 80 -1.86 -11.45 -12.25
CA ASP A 80 -2.59 -11.76 -11.03
C ASP A 80 -1.72 -11.71 -9.78
N PHE A 81 -0.46 -12.19 -9.87
CA PHE A 81 0.48 -12.12 -8.76
C PHE A 81 0.91 -10.70 -8.43
N SER A 82 0.92 -9.79 -9.41
CA SER A 82 1.24 -8.40 -9.08
C SER A 82 0.11 -7.75 -8.31
N GLN A 83 -1.12 -7.94 -8.78
CA GLN A 83 -2.31 -7.34 -8.19
C GLN A 83 -2.86 -8.10 -6.98
N GLY A 84 -2.35 -9.30 -6.70
CA GLY A 84 -2.84 -10.11 -5.59
C GLY A 84 -4.17 -10.79 -5.81
N THR A 85 -4.67 -10.80 -7.05
CA THR A 85 -5.95 -11.45 -7.28
C THR A 85 -5.78 -12.96 -7.36
N ILE A 86 -4.52 -13.42 -7.30
CA ILE A 86 -4.17 -14.83 -7.37
C ILE A 86 -4.77 -15.52 -6.16
N GLN A 87 -4.91 -14.78 -5.03
CA GLN A 87 -5.42 -15.39 -3.81
C GLN A 87 -6.89 -15.77 -3.92
N LEU A 88 -7.60 -15.25 -4.92
CA LEU A 88 -8.97 -15.62 -5.21
C LEU A 88 -9.08 -16.92 -6.00
N TYR A 89 -8.05 -17.28 -6.76
CA TYR A 89 -8.04 -18.47 -7.61
C TYR A 89 -7.47 -19.72 -6.98
N MET A 90 -7.00 -19.67 -5.73
CA MET A 90 -6.38 -20.84 -5.11
C MET A 90 -7.23 -21.39 -3.97
N SER A 91 -8.53 -21.53 -4.25
CA SER A 91 -9.45 -22.06 -3.26
C SER A 91 -9.46 -23.58 -3.21
N LYS A 92 -9.89 -24.25 -4.28
CA LYS A 92 -9.96 -25.70 -4.27
C LYS A 92 -8.87 -26.25 -5.18
N VAL A 93 -8.86 -27.58 -5.29
CA VAL A 93 -7.86 -28.25 -6.10
C VAL A 93 -8.19 -28.17 -7.59
N LYS A 94 -9.47 -28.40 -7.96
CA LYS A 94 -9.83 -28.37 -9.37
C LYS A 94 -9.64 -26.97 -9.97
N THR A 95 -9.97 -25.93 -9.22
CA THR A 95 -9.68 -24.56 -9.68
C THR A 95 -8.16 -24.31 -9.72
N ARG A 96 -7.42 -24.78 -8.71
CA ARG A 96 -5.97 -24.61 -8.68
C ARG A 96 -5.29 -25.29 -9.87
N VAL A 97 -5.86 -26.39 -10.36
CA VAL A 97 -5.29 -27.09 -11.51
C VAL A 97 -5.74 -26.42 -12.81
N GLY A 98 -7.03 -26.06 -12.87
CA GLY A 98 -7.58 -25.37 -14.03
C GLY A 98 -6.89 -24.05 -14.32
N TYR A 99 -6.40 -23.38 -13.28
CA TYR A 99 -5.62 -22.16 -13.44
C TYR A 99 -4.39 -22.41 -14.30
N ILE A 100 -3.65 -23.48 -13.99
CA ILE A 100 -2.43 -23.80 -14.72
C ILE A 100 -2.78 -24.21 -16.15
N ILE A 101 -3.87 -24.98 -16.30
CA ILE A 101 -4.34 -25.39 -17.63
C ILE A 101 -4.68 -24.16 -18.48
N SER A 102 -5.42 -23.21 -17.90
CA SER A 102 -5.83 -22.00 -18.60
C SER A 102 -4.63 -21.15 -18.98
N LYS A 103 -3.64 -21.05 -18.09
CA LYS A 103 -2.43 -20.29 -18.42
C LYS A 103 -1.69 -20.90 -19.60
N THR A 104 -1.56 -22.25 -19.62
CA THR A 104 -0.91 -22.92 -20.74
C THR A 104 -1.68 -22.70 -22.04
N ILE A 105 -3.01 -22.80 -21.99
CA ILE A 105 -3.85 -22.58 -23.17
C ILE A 105 -3.72 -21.14 -23.66
N SER A 106 -3.65 -20.18 -22.74
CA SER A 106 -3.48 -18.78 -23.11
C SER A 106 -2.15 -18.55 -23.80
N ILE A 107 -1.08 -19.22 -23.32
CA ILE A 107 0.22 -19.13 -23.96
C ILE A 107 0.15 -19.69 -25.38
N ILE A 108 -0.53 -20.83 -25.56
CA ILE A 108 -0.68 -21.41 -26.89
C ILE A 108 -1.44 -20.47 -27.83
N LEU A 109 -2.55 -19.89 -27.36
CA LEU A 109 -3.33 -18.98 -28.20
C LEU A 109 -2.56 -17.71 -28.57
N ILE A 110 -1.83 -17.12 -27.62
CA ILE A 110 -1.03 -15.93 -27.92
C ILE A 110 0.06 -16.28 -28.95
N SER A 111 0.71 -17.45 -28.79
CA SER A 111 1.72 -17.88 -29.76
C SER A 111 1.14 -18.06 -31.16
N ILE A 112 -0.04 -18.69 -31.28
CA ILE A 112 -0.67 -18.89 -32.59
C ILE A 112 -1.00 -17.54 -33.24
N LEU A 113 -1.59 -16.62 -32.45
CA LEU A 113 -1.94 -15.29 -32.95
C LEU A 113 -0.69 -14.53 -33.39
N PHE A 114 0.37 -14.64 -32.60
CA PHE A 114 1.62 -13.94 -32.87
C PHE A 114 2.27 -14.51 -34.15
N ALA A 115 2.16 -15.83 -34.35
CA ALA A 115 2.65 -16.44 -35.58
C ALA A 115 1.89 -15.89 -36.79
N LEU A 116 0.58 -15.70 -36.63
CA LEU A 116 -0.23 -15.11 -37.70
C LEU A 116 0.23 -13.69 -38.00
N ILE A 117 0.53 -12.91 -36.95
CA ILE A 117 1.02 -11.54 -37.11
C ILE A 117 2.34 -11.53 -37.88
N HIS A 118 3.26 -12.44 -37.53
CA HIS A 118 4.53 -12.57 -38.23
C HIS A 118 4.31 -12.91 -39.70
N TYR A 119 3.31 -13.77 -39.96
CA TYR A 119 2.95 -14.11 -41.34
C TYR A 119 2.50 -12.88 -42.10
N VAL A 120 1.64 -12.05 -41.49
CA VAL A 120 1.10 -10.87 -42.17
C VAL A 120 2.22 -9.89 -42.50
N ILE A 121 3.12 -9.63 -41.52
CA ILE A 121 4.20 -8.69 -41.77
C ILE A 121 5.12 -9.18 -42.89
N LEU A 122 5.51 -10.48 -42.86
CA LEU A 122 6.39 -10.99 -43.90
C LEU A 122 5.72 -11.04 -45.26
N ILE A 123 4.43 -11.37 -45.32
CA ILE A 123 3.72 -11.38 -46.60
C ILE A 123 3.68 -9.98 -47.20
N VAL A 124 3.37 -8.95 -46.39
CA VAL A 124 3.29 -7.59 -46.94
C VAL A 124 4.67 -7.08 -47.39
N VAL A 125 5.74 -7.39 -46.62
CA VAL A 125 7.08 -6.97 -47.05
C VAL A 125 7.46 -7.65 -48.37
N GLN A 126 7.18 -8.96 -48.50
CA GLN A 126 7.47 -9.67 -49.74
C GLN A 126 6.62 -9.15 -50.90
N ALA A 127 5.36 -8.80 -50.62
CA ALA A 127 4.44 -8.30 -51.62
C ALA A 127 4.89 -6.95 -52.18
N SER A 128 5.44 -6.09 -51.31
CA SER A 128 5.87 -4.76 -51.77
C SER A 128 7.04 -4.85 -52.74
N SER A 129 8.03 -5.69 -52.44
CA SER A 129 9.23 -5.77 -53.25
C SER A 129 9.10 -6.81 -54.35
N ASN A 130 10.21 -7.14 -55.01
CA ASN A 130 10.27 -8.19 -56.01
C ASN A 130 11.46 -9.10 -55.74
N GLY A 131 11.34 -10.36 -56.13
CA GLY A 131 12.37 -11.33 -55.83
C GLY A 131 11.85 -12.75 -55.86
N LYS A 132 12.57 -13.62 -55.15
CA LYS A 132 12.24 -15.03 -55.06
C LYS A 132 11.45 -15.32 -53.78
N ASN A 133 10.20 -15.74 -53.96
CA ASN A 133 9.32 -16.00 -52.83
C ASN A 133 9.82 -17.23 -52.06
N LEU A 134 9.50 -17.26 -50.76
CA LEU A 134 9.89 -18.34 -49.86
C LEU A 134 8.90 -19.50 -49.97
N ALA A 135 9.02 -20.44 -49.03
CA ALA A 135 8.16 -21.62 -49.07
C ALA A 135 7.30 -21.68 -47.81
N PHE A 136 6.18 -22.40 -47.93
CA PHE A 136 5.24 -22.54 -46.81
C PHE A 136 5.84 -23.33 -45.65
N SER A 137 6.65 -24.35 -45.96
CA SER A 137 7.26 -25.18 -44.91
C SER A 137 8.12 -24.38 -43.95
N LYS A 138 8.78 -23.31 -44.43
CA LYS A 138 9.54 -22.42 -43.56
C LYS A 138 8.63 -21.75 -42.54
N TYR A 139 7.47 -21.27 -42.98
CA TYR A 139 6.56 -20.63 -42.03
C TYR A 139 5.96 -21.64 -41.06
N VAL A 140 5.64 -22.85 -41.52
CA VAL A 140 5.08 -23.87 -40.62
C VAL A 140 6.07 -24.31 -39.56
N ASP A 141 7.31 -24.64 -39.96
CA ASP A 141 8.28 -25.07 -38.96
C ASP A 141 8.72 -23.89 -38.08
N ASN A 142 8.68 -22.67 -38.64
CA ASN A 142 8.90 -21.46 -37.85
C ASN A 142 7.83 -21.30 -36.77
N LEU A 143 6.57 -21.61 -37.12
CA LEU A 143 5.48 -21.58 -36.14
C LEU A 143 5.74 -22.60 -35.03
N TRP A 144 6.21 -23.79 -35.41
CA TRP A 144 6.54 -24.82 -34.42
C TRP A 144 7.64 -24.33 -33.48
N PHE A 145 8.67 -23.70 -34.04
CA PHE A 145 9.77 -23.15 -33.24
C PHE A 145 9.28 -22.05 -32.30
N PHE A 146 8.38 -21.19 -32.81
CA PHE A 146 7.76 -20.13 -32.02
C PHE A 146 7.08 -20.72 -30.79
N LEU A 147 6.28 -21.77 -31.04
CA LEU A 147 5.55 -22.47 -29.99
C LEU A 147 6.51 -23.05 -28.96
N ILE A 148 7.54 -23.76 -29.41
CA ILE A 148 8.48 -24.44 -28.51
C ILE A 148 9.20 -23.44 -27.61
N PHE A 149 9.74 -22.37 -28.22
CA PHE A 149 10.47 -21.35 -27.46
C PHE A 149 9.58 -20.70 -26.41
N LEU A 150 8.40 -20.22 -26.84
CA LEU A 150 7.53 -19.49 -25.92
C LEU A 150 7.01 -20.39 -24.80
N LEU A 151 6.64 -21.63 -25.11
CA LEU A 151 6.19 -22.56 -24.08
C LEU A 151 7.29 -22.85 -23.07
N PHE A 152 8.51 -23.16 -23.53
CA PHE A 152 9.61 -23.47 -22.62
C PHE A 152 9.86 -22.30 -21.66
N PHE A 153 10.03 -21.09 -22.21
CA PHE A 153 10.37 -19.96 -21.36
C PHE A 153 9.19 -19.56 -20.48
N GLY A 154 7.95 -19.64 -20.99
CA GLY A 154 6.80 -19.30 -20.16
C GLY A 154 6.61 -20.24 -18.98
N LEU A 155 6.78 -21.55 -19.20
CA LEU A 155 6.67 -22.48 -18.06
C LEU A 155 7.81 -22.31 -17.07
N PHE A 156 9.05 -22.09 -17.55
CA PHE A 156 10.17 -21.86 -16.61
C PHE A 156 9.90 -20.62 -15.76
N LEU A 157 9.48 -19.52 -16.41
CA LEU A 157 9.20 -18.29 -15.70
C LEU A 157 7.96 -18.44 -14.81
N PHE A 158 7.03 -19.30 -15.22
CA PHE A 158 5.87 -19.62 -14.41
C PHE A 158 6.28 -20.30 -13.11
N LEU A 159 7.21 -21.26 -13.19
CA LEU A 159 7.72 -21.91 -11.98
C LEU A 159 8.43 -20.92 -11.05
N ILE A 160 9.28 -20.05 -11.62
CA ILE A 160 9.99 -19.09 -10.78
C ILE A 160 9.00 -18.10 -10.14
N THR A 161 7.97 -17.67 -10.88
CA THR A 161 7.03 -16.69 -10.33
C THR A 161 6.13 -17.31 -9.28
N LEU A 162 5.85 -18.61 -9.39
CA LEU A 162 5.16 -19.31 -8.30
C LEU A 162 6.04 -19.45 -7.07
N ALA A 163 7.32 -19.76 -7.25
CA ALA A 163 8.19 -19.94 -6.09
C ALA A 163 8.47 -18.63 -5.37
N SER A 164 8.72 -17.54 -6.10
CA SER A 164 9.17 -16.32 -5.44
C SER A 164 8.09 -15.28 -5.16
N GLN A 165 7.02 -15.20 -5.99
CA GLN A 165 5.85 -14.29 -5.84
C GLN A 165 6.27 -12.81 -5.86
N LYS A 166 7.37 -12.53 -6.56
CA LYS A 166 7.94 -11.20 -6.76
C LYS A 166 7.96 -10.96 -8.26
N THR A 167 7.57 -9.76 -8.73
CA THR A 167 7.47 -9.50 -10.16
C THR A 167 8.71 -8.87 -10.82
N ALA A 168 9.39 -7.95 -10.12
CA ALA A 168 10.56 -7.28 -10.69
C ALA A 168 11.69 -8.28 -10.97
N MET A 169 11.68 -9.40 -10.22
CA MET A 169 12.70 -10.40 -10.43
C MET A 169 12.39 -11.14 -11.71
N ILE A 170 11.11 -11.30 -12.03
CA ILE A 170 10.73 -12.13 -13.17
C ILE A 170 11.12 -11.39 -14.43
N PHE A 171 10.82 -10.09 -14.45
CA PHE A 171 11.16 -9.29 -15.62
C PHE A 171 12.68 -9.25 -15.83
N SER A 172 13.44 -8.97 -14.76
CA SER A 172 14.89 -8.91 -14.89
C SER A 172 15.50 -10.27 -15.22
N LEU A 173 14.99 -11.34 -14.60
CA LEU A 173 15.47 -12.70 -14.87
C LEU A 173 15.17 -13.14 -16.29
N GLY A 174 13.97 -12.82 -16.80
CA GLY A 174 13.64 -13.15 -18.18
C GLY A 174 14.53 -12.44 -19.18
N VAL A 175 14.76 -11.14 -18.96
CA VAL A 175 15.65 -10.38 -19.84
C VAL A 175 17.06 -10.96 -19.79
N PHE A 176 17.53 -11.26 -18.57
CA PHE A 176 18.85 -11.84 -18.38
C PHE A 176 18.98 -13.20 -19.05
N LEU A 177 17.99 -14.08 -18.88
CA LEU A 177 18.06 -15.41 -19.47
C LEU A 177 18.04 -15.39 -20.98
N VAL A 178 17.23 -14.51 -21.58
CA VAL A 178 17.20 -14.47 -23.04
C VAL A 178 18.50 -13.84 -23.58
N LEU A 179 18.96 -12.75 -22.97
CA LEU A 179 20.01 -11.93 -23.57
C LEU A 179 21.43 -12.11 -23.01
N ILE A 180 21.69 -12.97 -22.04
CA ILE A 180 23.05 -12.99 -21.49
C ILE A 180 23.98 -13.88 -22.32
N VAL A 181 23.49 -15.03 -22.81
CA VAL A 181 24.37 -15.97 -23.51
C VAL A 181 24.97 -15.47 -24.84
N PRO A 182 24.20 -14.86 -25.79
CA PRO A 182 24.85 -14.33 -27.00
C PRO A 182 25.87 -13.24 -26.70
N PHE A 183 25.65 -12.48 -25.62
CA PHE A 183 26.58 -11.45 -25.21
C PHE A 183 27.85 -12.06 -24.63
N ILE A 184 27.73 -13.15 -23.87
CA ILE A 184 28.92 -13.62 -23.17
C ILE A 184 29.78 -14.52 -24.04
N LYS A 185 29.17 -15.31 -25.00
CA LYS A 185 30.03 -16.26 -25.74
C LYS A 185 31.25 -15.73 -26.49
N PRO A 186 31.20 -14.65 -27.30
CA PRO A 186 32.43 -14.19 -27.98
C PRO A 186 33.54 -13.74 -27.04
N PHE A 187 33.17 -13.12 -25.91
CA PHE A 187 34.16 -12.58 -24.99
C PHE A 187 34.72 -13.61 -24.03
N ILE A 188 34.15 -14.82 -23.97
CA ILE A 188 34.61 -15.78 -22.98
C ILE A 188 34.91 -17.18 -23.48
N THR A 189 34.11 -17.75 -24.42
CA THR A 189 34.38 -19.14 -24.85
C THR A 189 35.73 -19.34 -25.55
N PHE A 190 36.25 -18.33 -26.26
CA PHE A 190 37.46 -18.63 -27.03
C PHE A 190 38.70 -18.74 -26.12
N ILE A 191 38.60 -18.28 -24.87
CA ILE A 191 39.69 -18.37 -23.89
C ILE A 191 40.06 -19.77 -23.37
N PRO A 192 39.16 -20.61 -22.84
CA PRO A 192 39.60 -21.89 -22.25
C PRO A 192 40.23 -22.90 -23.20
N ARG A 193 41.06 -23.74 -22.58
CA ARG A 193 41.63 -24.97 -23.13
C ARG A 193 40.65 -26.13 -22.98
N TYR A 194 39.50 -25.84 -22.35
CA TYR A 194 38.35 -26.69 -22.12
C TYR A 194 37.16 -26.26 -22.95
N GLY A 195 37.36 -25.28 -23.85
CA GLY A 195 36.28 -24.75 -24.66
C GLY A 195 35.66 -25.76 -25.61
N GLU A 196 36.47 -26.61 -26.25
CA GLU A 196 35.90 -27.59 -27.18
C GLU A 196 35.02 -28.58 -26.41
N LYS A 197 35.47 -28.98 -25.21
CA LYS A 197 34.72 -29.89 -24.35
C LYS A 197 33.41 -29.23 -23.91
N VAL A 198 33.46 -27.96 -23.54
CA VAL A 198 32.26 -27.25 -23.10
C VAL A 198 31.28 -27.09 -24.28
N LEU A 199 31.81 -26.82 -25.49
CA LEU A 199 30.97 -26.73 -26.69
C LEU A 199 30.27 -28.05 -27.02
N ASP A 200 30.97 -29.19 -26.87
CA ASP A 200 30.28 -30.47 -27.13
C ASP A 200 29.20 -30.68 -26.06
N ALA A 201 29.51 -30.30 -24.80
CA ALA A 201 28.56 -30.46 -23.70
C ALA A 201 27.38 -29.50 -23.81
N PHE A 202 27.48 -28.45 -24.62
CA PHE A 202 26.40 -27.50 -24.88
C PHE A 202 25.21 -28.07 -25.64
N ASP A 203 25.31 -29.30 -26.17
CA ASP A 203 24.17 -29.82 -26.90
C ASP A 203 23.05 -30.36 -26.01
N TYR A 204 23.23 -30.41 -24.68
CA TYR A 204 22.17 -30.95 -23.84
C TYR A 204 21.61 -29.95 -22.83
N ILE A 205 22.25 -28.81 -22.61
CA ILE A 205 21.72 -27.78 -21.73
C ILE A 205 20.71 -26.96 -22.53
N PRO A 206 19.45 -26.91 -22.09
CA PRO A 206 18.37 -26.28 -22.88
C PRO A 206 18.56 -24.79 -23.19
N PHE A 207 19.09 -24.06 -22.22
CA PHE A 207 19.31 -22.62 -22.32
C PHE A 207 20.24 -22.26 -23.47
N ALA A 208 21.38 -22.96 -23.57
CA ALA A 208 22.42 -22.59 -24.53
C ALA A 208 21.94 -22.74 -25.97
N TYR A 209 21.41 -23.92 -26.35
CA TYR A 209 21.03 -24.07 -27.75
C TYR A 209 19.72 -23.41 -28.13
N LEU A 210 18.73 -23.31 -27.22
CA LEU A 210 17.52 -22.57 -27.58
C LEU A 210 17.80 -21.10 -27.86
N THR A 211 18.66 -20.49 -27.06
CA THR A 211 19.08 -19.12 -27.30
C THR A 211 20.02 -19.01 -28.49
N ASP A 212 20.89 -20.01 -28.69
CA ASP A 212 21.85 -19.98 -29.80
C ASP A 212 21.12 -19.98 -31.14
N LYS A 213 20.08 -20.83 -31.27
CA LYS A 213 19.40 -21.00 -32.55
C LYS A 213 18.50 -19.81 -32.90
N MET A 214 18.44 -18.80 -32.02
CA MET A 214 17.64 -17.60 -32.24
C MET A 214 18.11 -16.74 -33.41
N ILE A 215 19.41 -16.55 -33.58
CA ILE A 215 19.95 -15.68 -34.64
C ILE A 215 19.74 -16.28 -36.03
N SER A 216 19.83 -17.61 -36.15
CA SER A 216 19.81 -18.34 -37.41
C SER A 216 18.48 -18.13 -38.12
N SER A 217 18.50 -18.11 -39.45
CA SER A 217 17.20 -17.88 -40.04
C SER A 217 16.47 -19.19 -40.31
N ASN A 218 17.12 -20.32 -40.05
CA ASN A 218 16.46 -21.61 -40.17
C ASN A 218 16.89 -22.42 -38.94
N PHE A 219 15.99 -23.26 -38.43
CA PHE A 219 16.34 -24.02 -37.25
C PHE A 219 16.60 -25.46 -37.68
N ASP A 220 17.56 -26.11 -37.04
CA ASP A 220 17.83 -27.52 -37.37
C ASP A 220 17.99 -28.26 -36.05
N PHE A 221 17.21 -29.33 -35.87
CA PHE A 221 17.29 -30.08 -34.63
C PHE A 221 17.59 -31.54 -34.93
N SER A 222 18.38 -32.17 -34.06
CA SER A 222 18.55 -33.61 -34.14
C SER A 222 17.43 -34.31 -33.37
N ASN A 223 17.36 -35.64 -33.55
CA ASN A 223 16.33 -36.45 -32.89
C ASN A 223 16.50 -36.39 -31.37
N TRP A 224 17.74 -36.52 -30.91
CA TRP A 224 18.06 -36.47 -29.48
C TRP A 224 17.70 -35.11 -28.90
N GLN A 225 17.97 -34.06 -29.68
CA GLN A 225 17.69 -32.68 -29.27
C GLN A 225 16.18 -32.48 -29.12
N TRP A 226 15.42 -33.02 -30.07
CA TRP A 226 13.96 -32.97 -30.03
C TRP A 226 13.43 -33.72 -28.81
N VAL A 227 13.99 -34.91 -28.56
CA VAL A 227 13.60 -35.75 -27.43
C VAL A 227 13.82 -35.02 -26.11
N ILE A 228 15.01 -34.41 -25.95
CA ILE A 228 15.34 -33.77 -24.69
C ILE A 228 14.48 -32.52 -24.48
N SER A 229 14.17 -31.79 -25.57
CA SER A 229 13.33 -30.60 -25.43
C SER A 229 11.91 -30.96 -24.98
N LEU A 230 11.29 -31.96 -25.63
CA LEU A 230 9.95 -32.39 -25.23
C LEU A 230 9.96 -32.99 -23.82
N GLY A 231 10.97 -33.78 -23.48
CA GLY A 231 11.05 -34.31 -22.13
C GLY A 231 11.19 -33.22 -21.09
N SER A 232 11.99 -32.19 -21.38
CA SER A 232 12.16 -31.07 -20.46
C SER A 232 10.87 -30.29 -20.28
N ILE A 233 10.12 -30.03 -21.36
CA ILE A 233 8.84 -29.30 -21.23
C ILE A 233 7.86 -30.12 -20.38
N VAL A 234 7.78 -31.44 -20.63
CA VAL A 234 6.86 -32.28 -19.86
C VAL A 234 7.25 -32.30 -18.37
N ILE A 235 8.56 -32.42 -18.06
CA ILE A 235 8.97 -32.44 -16.64
C ILE A 235 8.66 -31.10 -15.96
N PHE A 236 8.93 -29.95 -16.62
CA PHE A 236 8.56 -28.66 -16.00
C PHE A 236 7.06 -28.53 -15.79
N PHE A 237 6.25 -28.95 -16.78
CA PHE A 237 4.80 -28.87 -16.62
C PHE A 237 4.29 -29.73 -15.47
N ILE A 238 4.79 -30.97 -15.35
CA ILE A 238 4.37 -31.89 -14.28
C ILE A 238 4.79 -31.32 -12.93
N LEU A 239 6.01 -30.78 -12.88
CA LEU A 239 6.56 -30.19 -11.67
C LEU A 239 5.72 -28.97 -11.27
N ASN A 240 5.28 -28.16 -12.25
CA ASN A 240 4.43 -27.01 -11.95
C ASN A 240 3.11 -27.43 -11.31
N ILE A 241 2.43 -28.46 -11.84
CA ILE A 241 1.18 -28.92 -11.22
C ILE A 241 1.44 -29.41 -9.80
N LEU A 242 2.53 -30.17 -9.62
CA LEU A 242 2.84 -30.73 -8.30
C LEU A 242 3.17 -29.62 -7.31
N TYR A 243 3.93 -28.61 -7.73
CA TYR A 243 4.32 -27.60 -6.76
C TYR A 243 3.16 -26.64 -6.49
N VAL A 244 2.30 -26.39 -7.50
CA VAL A 244 1.20 -25.45 -7.25
C VAL A 244 0.18 -26.12 -6.34
N ALA A 245 0.17 -27.45 -6.29
CA ALA A 245 -0.83 -28.12 -5.47
C ALA A 245 -0.25 -28.46 -4.11
N LYS A 246 1.02 -28.10 -3.87
CA LYS A 246 1.67 -28.36 -2.60
C LYS A 246 2.27 -27.13 -1.94
N LYS A 247 2.18 -25.95 -2.56
CA LYS A 247 2.74 -24.75 -1.94
C LYS A 247 1.73 -24.07 -1.02
N ASP A 248 2.19 -23.62 0.13
CA ASP A 248 1.32 -22.91 1.07
C ASP A 248 1.65 -21.41 1.05
N ILE A 249 0.62 -20.59 0.93
CA ILE A 249 0.84 -19.15 0.82
C ILE A 249 0.79 -18.54 2.22
N MET B 1 -20.23 -27.80 6.54
CA MET B 1 -18.85 -27.45 6.84
C MET B 1 -18.56 -27.62 8.32
N LYS B 2 -17.68 -28.57 8.64
CA LYS B 2 -17.26 -28.85 10.00
C LYS B 2 -15.74 -28.97 10.03
N LEU B 3 -15.11 -28.57 11.14
CA LEU B 3 -13.68 -28.76 11.34
C LEU B 3 -13.49 -29.67 12.55
N GLU B 4 -12.54 -30.60 12.47
CA GLU B 4 -12.30 -31.53 13.56
C GLU B 4 -10.81 -31.74 13.80
N HIS B 5 -10.33 -31.40 15.00
CA HIS B 5 -8.96 -31.62 15.46
C HIS B 5 -7.89 -31.02 14.55
N ILE B 6 -8.13 -29.78 14.14
CA ILE B 6 -7.18 -29.06 13.29
C ILE B 6 -6.01 -28.59 14.15
N THR B 7 -4.80 -28.88 13.70
CA THR B 7 -3.55 -28.51 14.37
C THR B 7 -2.53 -28.13 13.31
N LYS B 8 -2.34 -26.81 13.14
CA LYS B 8 -1.40 -26.31 12.15
C LYS B 8 -0.23 -25.71 12.91
N LYS B 9 0.99 -26.04 12.49
CA LYS B 9 2.15 -25.51 13.18
C LYS B 9 3.19 -25.02 12.18
N TYR B 10 3.93 -23.97 12.58
CA TYR B 10 5.01 -23.36 11.82
C TYR B 10 6.33 -23.62 12.53
N GLY B 11 7.06 -24.65 12.09
CA GLY B 11 8.30 -25.02 12.76
C GLY B 11 8.00 -25.47 14.17
N SER B 12 8.68 -24.84 15.12
CA SER B 12 8.43 -25.11 16.53
C SER B 12 7.14 -24.44 17.03
N ASN B 13 6.80 -23.28 16.47
CA ASN B 13 5.61 -22.50 16.83
C ASN B 13 4.33 -23.24 16.41
N VAL B 14 3.38 -23.34 17.33
CA VAL B 14 2.07 -23.92 17.02
C VAL B 14 1.03 -22.82 16.98
N VAL B 15 0.19 -22.78 15.94
CA VAL B 15 -0.79 -21.71 15.81
C VAL B 15 -2.18 -22.17 16.22
N LEU B 16 -2.63 -23.33 15.73
CA LEU B 16 -3.91 -23.88 16.13
C LEU B 16 -3.65 -25.17 16.89
N ASN B 17 -4.40 -25.37 17.98
CA ASN B 17 -4.21 -26.50 18.87
C ASN B 17 -5.56 -27.19 19.10
N ASP B 18 -5.89 -28.12 18.19
CA ASP B 18 -7.07 -28.99 18.29
C ASP B 18 -8.37 -28.18 18.37
N ILE B 19 -8.67 -27.46 17.29
CA ILE B 19 -9.84 -26.61 17.24
C ILE B 19 -10.96 -27.39 16.54
N ASP B 20 -12.21 -27.00 16.80
CA ASP B 20 -13.37 -27.59 16.18
C ASP B 20 -14.32 -26.46 15.79
N PHE B 21 -15.11 -26.69 14.74
CA PHE B 21 -16.07 -25.68 14.31
C PHE B 21 -17.20 -26.38 13.56
N ASP B 22 -18.40 -25.81 13.62
CA ASP B 22 -19.57 -26.35 12.92
C ASP B 22 -20.68 -25.32 12.96
N PHE B 23 -21.36 -25.15 11.82
CA PHE B 23 -22.54 -24.28 11.79
C PHE B 23 -23.67 -25.12 12.39
N GLY B 24 -23.82 -25.06 13.70
CA GLY B 24 -24.87 -25.82 14.35
C GLY B 24 -26.11 -25.00 14.63
N ASP B 25 -27.14 -25.07 13.78
CA ASP B 25 -28.39 -24.32 13.95
C ASP B 25 -28.19 -22.81 14.08
N SER B 26 -27.12 -22.28 13.51
CA SER B 26 -26.85 -20.85 13.60
C SER B 26 -26.60 -20.28 12.20
N ARG B 27 -27.12 -19.06 12.00
CA ARG B 27 -27.07 -18.44 10.69
C ARG B 27 -25.97 -17.40 10.49
N ILE B 28 -25.69 -16.55 11.49
CA ILE B 28 -24.63 -15.54 11.40
C ILE B 28 -23.70 -15.77 12.58
N VAL B 29 -22.41 -15.97 12.33
CA VAL B 29 -21.49 -16.27 13.42
C VAL B 29 -20.32 -15.29 13.38
N GLY B 30 -19.96 -14.79 14.56
CA GLY B 30 -18.86 -13.86 14.70
C GLY B 30 -17.63 -14.51 15.33
N LEU B 31 -16.46 -14.13 14.83
CA LEU B 31 -15.19 -14.68 15.32
C LEU B 31 -14.42 -13.58 16.01
N ILE B 32 -14.07 -13.78 17.28
CA ILE B 32 -13.47 -12.74 18.11
C ILE B 32 -12.19 -13.26 18.73
N GLY B 33 -11.13 -12.46 18.68
CA GLY B 33 -9.85 -12.81 19.25
C GLY B 33 -8.96 -11.58 19.23
N LYS B 34 -7.72 -11.77 19.67
CA LYS B 34 -6.82 -10.64 19.69
C LYS B 34 -6.12 -10.46 18.34
N ASN B 35 -5.12 -9.58 18.34
CA ASN B 35 -4.33 -9.33 17.14
C ASN B 35 -3.14 -10.27 17.04
N GLY B 36 -2.97 -10.89 15.88
CA GLY B 36 -1.90 -11.85 15.63
C GLY B 36 -1.96 -13.15 16.40
N VAL B 37 -3.15 -13.68 16.67
CA VAL B 37 -3.24 -14.92 17.43
C VAL B 37 -3.49 -16.08 16.46
N GLY B 38 -3.88 -15.75 15.22
CA GLY B 38 -4.15 -16.75 14.20
C GLY B 38 -5.56 -16.79 13.69
N LYS B 39 -6.22 -15.62 13.68
CA LYS B 39 -7.59 -15.54 13.18
C LYS B 39 -7.58 -15.64 11.67
N THR B 40 -6.59 -14.99 11.03
CA THR B 40 -6.53 -15.01 9.58
C THR B 40 -6.05 -16.39 9.13
N THR B 41 -5.24 -17.05 9.97
CA THR B 41 -4.80 -18.41 9.67
C THR B 41 -6.03 -19.31 9.65
N VAL B 42 -6.97 -19.08 10.59
CA VAL B 42 -8.23 -19.83 10.63
C VAL B 42 -9.03 -19.57 9.36
N MET B 43 -9.12 -18.30 8.93
CA MET B 43 -9.89 -18.00 7.71
C MET B 43 -9.28 -18.65 6.47
N LYS B 44 -7.95 -18.62 6.35
CA LYS B 44 -7.31 -19.27 5.19
C LYS B 44 -7.47 -20.79 5.23
N VAL B 45 -7.41 -21.37 6.43
CA VAL B 45 -7.64 -22.80 6.61
C VAL B 45 -9.07 -23.17 6.25
N MET B 46 -10.02 -22.34 6.67
CA MET B 46 -11.43 -22.62 6.44
C MET B 46 -11.76 -22.46 4.96
N ASN B 47 -11.28 -21.39 4.34
CA ASN B 47 -11.64 -21.09 2.95
C ASN B 47 -10.96 -22.04 1.97
N GLY B 48 -9.73 -22.46 2.25
CA GLY B 48 -9.08 -23.43 1.41
C GLY B 48 -7.71 -23.04 0.90
N ASN B 49 -7.15 -21.93 1.36
CA ASN B 49 -5.85 -21.46 0.90
C ASN B 49 -4.71 -22.27 1.49
N ILE B 50 -5.01 -23.11 2.48
CA ILE B 50 -4.04 -23.90 3.22
C ILE B 50 -4.46 -25.35 3.05
N ILE B 51 -3.50 -26.21 2.72
CA ILE B 51 -3.71 -27.63 2.43
C ILE B 51 -3.16 -28.50 3.55
N LYS B 52 -2.28 -27.97 4.39
CA LYS B 52 -1.57 -28.73 5.42
C LYS B 52 -2.37 -28.40 6.65
N PHE B 53 -3.50 -29.08 6.74
CA PHE B 53 -4.64 -28.97 7.65
C PHE B 53 -4.46 -29.73 8.94
N ASP B 54 -4.11 -31.00 8.79
CA ASP B 54 -3.83 -31.99 9.84
C ASP B 54 -5.11 -32.09 10.67
N GLY B 55 -6.15 -32.48 9.94
CA GLY B 55 -7.48 -32.70 10.46
C GLY B 55 -8.30 -33.38 9.38
N LYS B 56 -9.61 -33.16 9.45
CA LYS B 56 -10.55 -33.69 8.48
C LYS B 56 -11.55 -32.59 8.17
N VAL B 57 -11.70 -32.24 6.88
CA VAL B 57 -12.67 -31.24 6.46
C VAL B 57 -13.72 -31.89 5.56
N ASP B 58 -14.98 -31.82 6.00
CA ASP B 58 -16.11 -32.44 5.30
C ASP B 58 -16.86 -31.35 4.54
N ILE B 59 -16.66 -31.30 3.23
CA ILE B 59 -17.32 -30.31 2.38
C ILE B 59 -17.88 -31.02 1.15
N ASP B 60 -18.88 -30.40 0.53
CA ASP B 60 -19.55 -30.97 -0.64
C ASP B 60 -19.10 -30.17 -1.87
N ASN B 61 -19.05 -30.84 -3.02
CA ASN B 61 -18.58 -30.20 -4.24
C ASN B 61 -19.58 -29.23 -4.84
N ALA B 62 -20.89 -29.46 -4.63
CA ALA B 62 -21.90 -28.58 -5.21
C ALA B 62 -22.00 -27.24 -4.50
N ASP B 63 -21.34 -27.07 -3.35
CA ASP B 63 -21.41 -25.82 -2.61
C ASP B 63 -20.18 -24.95 -2.81
N ASN B 64 -20.43 -23.71 -3.22
CA ASN B 64 -19.39 -22.72 -3.48
C ASN B 64 -19.08 -21.92 -2.22
N ILE B 65 -17.87 -21.37 -2.17
CA ILE B 65 -17.38 -20.56 -1.04
C ILE B 65 -16.93 -19.21 -1.59
N GLY B 66 -17.52 -18.15 -1.05
CA GLY B 66 -17.11 -16.78 -1.33
C GLY B 66 -16.46 -16.08 -0.16
N PHE B 67 -15.33 -15.42 -0.40
CA PHE B 67 -14.54 -14.97 0.74
C PHE B 67 -14.01 -13.56 0.54
N LEU B 68 -13.67 -12.95 1.69
CA LEU B 68 -12.98 -11.68 1.83
C LEU B 68 -11.88 -11.89 2.86
N ILE B 69 -10.63 -11.57 2.50
CA ILE B 69 -9.48 -11.82 3.36
C ILE B 69 -8.91 -10.42 3.59
N GLU B 70 -7.75 -10.28 4.27
CA GLU B 70 -6.98 -9.07 4.61
C GLU B 70 -7.18 -7.82 3.77
N HIS B 71 -7.10 -7.88 2.45
CA HIS B 71 -7.28 -6.66 1.69
C HIS B 71 -8.04 -7.02 0.43
N PRO B 72 -8.78 -6.08 -0.17
CA PRO B 72 -9.52 -6.42 -1.39
C PRO B 72 -8.54 -6.76 -2.50
N LYS B 73 -8.90 -7.73 -3.33
CA LYS B 73 -8.12 -8.04 -4.50
C LYS B 73 -8.99 -7.75 -5.72
N LEU B 74 -8.56 -6.81 -6.55
CA LEU B 74 -9.35 -6.36 -7.68
C LEU B 74 -8.42 -5.94 -8.79
N TYR B 75 -8.99 -5.79 -9.98
CA TYR B 75 -8.23 -5.27 -11.12
C TYR B 75 -8.35 -3.75 -11.07
N ASP B 76 -7.28 -3.08 -10.63
CA ASP B 76 -7.33 -1.63 -10.47
C ASP B 76 -7.45 -0.91 -11.80
N ASN B 77 -6.83 -1.45 -12.84
CA ASN B 77 -6.79 -0.86 -14.17
C ASN B 77 -8.15 -0.82 -14.86
N LYS B 78 -8.94 -1.88 -14.70
CA LYS B 78 -10.18 -2.06 -15.44
C LYS B 78 -11.37 -1.43 -14.74
N SER B 79 -12.56 -1.71 -15.28
CA SER B 79 -13.80 -1.13 -14.82
C SER B 79 -14.55 -2.04 -13.85
N GLY B 80 -15.57 -1.46 -13.21
CA GLY B 80 -16.41 -2.20 -12.29
C GLY B 80 -17.24 -3.28 -12.97
N LEU B 81 -17.86 -2.96 -14.10
CA LEU B 81 -18.61 -3.99 -14.84
C LEU B 81 -17.69 -5.10 -15.36
N TYR B 82 -16.49 -4.76 -15.82
CA TYR B 82 -15.55 -5.80 -16.24
C TYR B 82 -15.17 -6.73 -15.10
N ASN B 83 -14.88 -6.15 -13.92
CA ASN B 83 -14.56 -6.98 -12.75
C ASN B 83 -15.74 -7.86 -12.35
N LEU B 84 -16.93 -7.27 -12.34
CA LEU B 84 -18.14 -7.98 -11.96
C LEU B 84 -18.45 -9.13 -12.90
N LYS B 85 -18.39 -8.86 -14.21
CA LYS B 85 -18.65 -9.86 -15.24
C LYS B 85 -17.59 -10.97 -15.21
N LEU B 86 -16.32 -10.58 -15.08
CA LEU B 86 -15.21 -11.53 -15.07
C LEU B 86 -15.33 -12.49 -13.91
N PHE B 87 -15.63 -11.98 -12.71
CA PHE B 87 -15.69 -12.89 -11.58
C PHE B 87 -16.99 -13.71 -11.57
N ALA B 88 -18.02 -13.23 -12.28
CA ALA B 88 -19.22 -14.05 -12.43
C ALA B 88 -19.01 -15.18 -13.43
N GLN B 89 -18.26 -14.94 -14.50
CA GLN B 89 -18.05 -16.02 -15.46
C GLN B 89 -16.97 -16.98 -14.97
N VAL B 90 -15.83 -16.45 -14.53
CA VAL B 90 -14.68 -17.26 -14.17
C VAL B 90 -14.93 -18.02 -12.87
N LEU B 91 -15.57 -17.39 -11.89
CA LEU B 91 -15.73 -18.06 -10.61
C LEU B 91 -17.10 -18.69 -10.42
N GLY B 92 -18.16 -18.05 -10.88
CA GLY B 92 -19.50 -18.57 -10.73
C GLY B 92 -19.89 -19.47 -11.90
N LYS B 93 -21.15 -19.86 -11.92
CA LYS B 93 -21.67 -20.69 -13.01
C LYS B 93 -21.87 -19.90 -14.29
N GLY B 94 -22.01 -18.58 -14.20
CA GLY B 94 -22.23 -17.77 -15.37
C GLY B 94 -22.52 -16.34 -14.97
N PHE B 95 -23.07 -15.59 -15.92
CA PHE B 95 -23.45 -14.21 -15.66
C PHE B 95 -24.97 -14.15 -15.78
N ASP B 96 -25.62 -13.67 -14.73
CA ASP B 96 -27.08 -13.51 -14.68
C ASP B 96 -27.46 -12.04 -14.67
N LYS B 97 -28.27 -11.61 -15.65
CA LYS B 97 -28.58 -10.20 -15.78
C LYS B 97 -29.51 -9.74 -14.68
N ALA B 98 -30.57 -10.52 -14.40
CA ALA B 98 -31.54 -10.14 -13.38
C ALA B 98 -30.91 -10.16 -11.99
N TYR B 99 -30.12 -11.20 -11.71
CA TYR B 99 -29.46 -11.34 -10.41
C TYR B 99 -28.46 -10.20 -10.18
N THR B 100 -27.63 -9.90 -11.19
CA THR B 100 -26.67 -8.81 -11.06
C THR B 100 -27.37 -7.46 -10.92
N ASP B 101 -28.46 -7.25 -11.67
CA ASP B 101 -29.22 -6.01 -11.55
C ASP B 101 -29.80 -5.86 -10.15
N LYS B 102 -30.34 -6.96 -9.60
CA LYS B 102 -30.89 -6.93 -8.25
C LYS B 102 -29.82 -6.65 -7.19
N ILE B 103 -28.65 -7.29 -7.30
CA ILE B 103 -27.59 -7.04 -6.31
C ILE B 103 -27.08 -5.59 -6.38
N ILE B 104 -26.86 -5.05 -7.60
CA ILE B 104 -26.37 -3.68 -7.73
C ILE B 104 -27.41 -2.70 -7.20
N ASP B 105 -28.69 -2.92 -7.55
CA ASP B 105 -29.77 -2.04 -7.09
C ASP B 105 -29.93 -2.10 -5.58
N ALA B 106 -29.83 -3.30 -4.97
CA ALA B 106 -29.99 -3.40 -3.53
C ALA B 106 -28.82 -2.73 -2.81
N PHE B 107 -27.58 -2.97 -3.26
CA PHE B 107 -26.46 -2.35 -2.56
C PHE B 107 -26.38 -0.85 -2.82
N GLY B 108 -26.90 -0.39 -3.96
CA GLY B 108 -26.80 1.02 -4.27
C GLY B 108 -25.53 1.46 -4.97
N MET B 109 -24.91 0.61 -5.80
CA MET B 109 -23.65 0.98 -6.44
C MET B 109 -23.84 1.46 -7.87
N ARG B 110 -25.10 1.60 -8.32
CA ARG B 110 -25.41 1.93 -9.71
C ARG B 110 -24.85 3.28 -10.16
N PRO B 111 -24.92 4.40 -9.39
CA PRO B 111 -24.36 5.69 -9.87
C PRO B 111 -22.91 5.59 -10.25
N TYR B 112 -22.13 4.75 -9.55
CA TYR B 112 -20.70 4.73 -9.79
C TYR B 112 -20.30 3.36 -10.30
N ILE B 113 -21.21 2.65 -10.98
CA ILE B 113 -20.83 1.32 -11.42
C ILE B 113 -20.04 1.34 -12.71
N LYS B 114 -20.10 2.43 -13.48
CA LYS B 114 -19.39 2.47 -14.76
C LYS B 114 -18.07 3.26 -14.72
N LYS B 115 -17.65 3.75 -13.57
CA LYS B 115 -16.42 4.52 -13.48
C LYS B 115 -15.30 3.61 -12.97
N LYS B 116 -14.06 3.93 -13.37
CA LYS B 116 -12.90 3.10 -13.08
C LYS B 116 -12.62 2.92 -11.59
N VAL B 117 -12.14 1.71 -11.25
CA VAL B 117 -11.94 1.31 -9.86
C VAL B 117 -10.81 2.14 -9.22
N LYS B 118 -9.84 2.56 -10.04
CA LYS B 118 -8.74 3.36 -9.52
C LYS B 118 -9.19 4.74 -9.06
N LYS B 119 -10.40 5.17 -9.45
CA LYS B 119 -10.95 6.44 -9.03
C LYS B 119 -11.85 6.28 -7.82
N TYR B 120 -11.98 5.05 -7.33
CA TYR B 120 -12.84 4.71 -6.20
C TYR B 120 -12.19 5.09 -4.88
N SER B 121 -12.98 5.04 -3.81
CA SER B 121 -12.37 5.17 -2.49
C SER B 121 -12.26 3.79 -1.83
N MET B 122 -11.83 3.83 -0.57
CA MET B 122 -11.57 2.61 0.18
C MET B 122 -12.86 1.85 0.47
N GLY B 123 -13.89 2.58 0.93
CA GLY B 123 -15.18 1.97 1.22
C GLY B 123 -15.86 1.44 -0.01
N MET B 124 -15.72 2.18 -1.11
CA MET B 124 -16.25 1.78 -2.39
C MET B 124 -15.62 0.46 -2.80
N LYS B 125 -14.30 0.31 -2.61
CA LYS B 125 -13.65 -0.95 -2.93
C LYS B 125 -14.16 -2.10 -2.04
N GLN B 126 -14.37 -1.85 -0.74
CA GLN B 126 -14.93 -2.92 0.11
C GLN B 126 -16.36 -3.31 -0.27
N LYS B 127 -17.22 -2.33 -0.57
CA LYS B 127 -18.58 -2.63 -0.99
C LYS B 127 -18.60 -3.42 -2.30
N LEU B 128 -17.75 -3.02 -3.26
CA LEU B 128 -17.64 -3.76 -4.51
C LEU B 128 -17.11 -5.17 -4.25
N ALA B 129 -16.17 -5.30 -3.31
CA ALA B 129 -15.59 -6.60 -2.96
C ALA B 129 -16.64 -7.52 -2.34
N ILE B 130 -17.56 -6.94 -1.55
CA ILE B 130 -18.64 -7.75 -0.98
C ILE B 130 -19.56 -8.23 -2.10
N ALA B 131 -19.81 -7.38 -3.09
CA ALA B 131 -20.64 -7.82 -4.21
C ALA B 131 -19.92 -8.90 -5.03
N VAL B 132 -18.61 -8.77 -5.20
CA VAL B 132 -17.82 -9.77 -5.92
C VAL B 132 -17.87 -11.11 -5.19
N SER B 133 -17.81 -11.05 -3.86
CA SER B 133 -17.86 -12.26 -3.04
C SER B 133 -19.22 -12.95 -3.19
N LEU B 134 -20.29 -12.16 -3.22
CA LEU B 134 -21.61 -12.75 -3.39
C LEU B 134 -21.88 -13.18 -4.85
N MET B 135 -21.10 -12.68 -5.80
CA MET B 135 -21.21 -13.03 -7.22
C MET B 135 -21.06 -14.51 -7.52
N ASN B 136 -20.35 -15.27 -6.70
CA ASN B 136 -20.11 -16.68 -6.93
C ASN B 136 -21.35 -17.51 -6.64
N LYS B 137 -22.35 -16.84 -6.06
CA LYS B 137 -23.54 -17.45 -5.46
C LYS B 137 -23.19 -18.53 -4.44
N PRO B 138 -22.41 -18.20 -3.41
CA PRO B 138 -21.86 -19.22 -2.53
C PRO B 138 -22.90 -19.73 -1.53
N LYS B 139 -22.56 -20.87 -0.94
CA LYS B 139 -23.26 -21.44 0.21
C LYS B 139 -22.60 -21.08 1.53
N PHE B 140 -21.29 -20.82 1.52
CA PHE B 140 -20.55 -20.36 2.70
C PHE B 140 -19.79 -19.07 2.41
N LEU B 141 -19.96 -18.09 3.32
CA LEU B 141 -19.38 -16.77 3.20
C LEU B 141 -18.50 -16.48 4.41
N ILE B 142 -17.22 -16.28 4.18
CA ILE B 142 -16.27 -15.97 5.23
C ILE B 142 -15.71 -14.58 4.93
N LEU B 143 -15.80 -13.67 5.90
CA LEU B 143 -15.40 -12.29 5.70
C LEU B 143 -14.44 -11.81 6.79
N ASP B 144 -13.33 -11.18 6.37
CA ASP B 144 -12.33 -10.67 7.31
C ASP B 144 -12.46 -9.15 7.41
N GLU B 145 -13.19 -8.68 8.42
CA GLU B 145 -13.45 -7.26 8.66
C GLU B 145 -13.99 -6.47 7.46
N PRO B 146 -15.23 -6.72 7.04
CA PRO B 146 -15.74 -6.04 5.84
C PRO B 146 -16.02 -4.56 6.00
N THR B 147 -16.17 -4.07 7.23
CA THR B 147 -16.58 -2.70 7.53
C THR B 147 -15.47 -1.93 8.26
N ASN B 148 -14.23 -2.00 7.76
CA ASN B 148 -13.09 -1.42 8.46
C ASN B 148 -13.14 0.11 8.54
N GLY B 149 -13.40 0.81 7.43
CA GLY B 149 -13.31 2.26 7.43
C GLY B 149 -14.56 3.05 7.12
N MET B 150 -15.72 2.64 7.65
CA MET B 150 -17.07 3.16 7.41
C MET B 150 -17.74 3.79 8.62
N ASP B 151 -18.52 4.81 8.31
CA ASP B 151 -19.26 5.59 9.27
C ASP B 151 -20.39 4.74 9.86
N PRO B 152 -20.90 5.11 11.05
CA PRO B 152 -21.93 4.28 11.71
C PRO B 152 -23.18 4.05 10.87
N ASP B 153 -23.68 5.08 10.17
CA ASP B 153 -24.86 4.96 9.33
C ASP B 153 -24.61 3.98 8.19
N GLY B 154 -23.42 4.09 7.57
CA GLY B 154 -23.06 3.20 6.48
C GLY B 154 -22.96 1.76 6.95
N SER B 155 -22.37 1.54 8.13
CA SER B 155 -22.28 0.19 8.68
C SER B 155 -23.66 -0.39 8.95
N ILE B 156 -24.56 0.42 9.52
CA ILE B 156 -25.93 -0.05 9.79
C ILE B 156 -26.61 -0.43 8.48
N ASP B 157 -26.49 0.43 7.47
CA ASP B 157 -27.14 0.16 6.19
C ASP B 157 -26.57 -1.10 5.51
N VAL B 158 -25.23 -1.28 5.51
CA VAL B 158 -24.64 -2.45 4.87
C VAL B 158 -25.03 -3.73 5.61
N LEU B 159 -24.95 -3.75 6.96
CA LEU B 159 -25.35 -4.94 7.71
C LEU B 159 -26.83 -5.27 7.55
N THR B 160 -27.71 -4.25 7.56
CA THR B 160 -29.14 -4.51 7.37
C THR B 160 -29.41 -5.09 5.98
N THR B 161 -28.76 -4.54 4.95
CA THR B 161 -28.92 -5.06 3.59
C THR B 161 -28.41 -6.50 3.51
N ILE B 162 -27.27 -6.77 4.14
CA ILE B 162 -26.70 -8.12 4.15
C ILE B 162 -27.66 -9.09 4.86
N LYS B 163 -28.26 -8.65 5.97
CA LYS B 163 -29.23 -9.48 6.69
C LYS B 163 -30.46 -9.76 5.83
N SER B 164 -30.91 -8.76 5.06
CA SER B 164 -32.09 -9.03 4.24
C SER B 164 -31.69 -9.98 3.11
N LEU B 165 -30.40 -9.98 2.75
CA LEU B 165 -30.02 -10.88 1.67
C LEU B 165 -29.85 -12.28 2.24
N VAL B 166 -29.83 -12.40 3.59
CA VAL B 166 -29.58 -13.71 4.19
C VAL B 166 -30.88 -14.50 4.16
N ASN B 167 -31.96 -13.81 3.82
CA ASN B 167 -33.29 -14.37 3.70
C ASN B 167 -33.66 -14.51 2.24
N GLU B 168 -33.17 -13.57 1.42
CA GLU B 168 -33.39 -13.67 -0.02
C GLU B 168 -32.66 -14.87 -0.62
N LEU B 169 -31.40 -15.08 -0.22
CA LEU B 169 -30.64 -16.28 -0.58
C LEU B 169 -30.34 -17.13 0.66
N ASP B 170 -30.37 -18.45 0.49
CA ASP B 170 -29.98 -19.38 1.56
C ASP B 170 -28.47 -19.24 1.75
N MET B 171 -28.11 -18.42 2.73
CA MET B 171 -26.75 -17.96 2.95
C MET B 171 -26.29 -18.25 4.38
N ARG B 172 -24.99 -18.51 4.57
CA ARG B 172 -24.46 -18.66 5.92
C ARG B 172 -23.14 -17.91 6.03
N ILE B 173 -23.06 -17.02 7.04
CA ILE B 173 -21.98 -16.03 7.13
C ILE B 173 -21.15 -16.22 8.40
N LEU B 174 -19.82 -16.10 8.25
CA LEU B 174 -18.90 -15.99 9.38
C LEU B 174 -18.15 -14.67 9.18
N ILE B 175 -18.13 -13.82 10.20
CA ILE B 175 -17.52 -12.49 10.14
C ILE B 175 -16.49 -12.35 11.26
N SER B 176 -15.24 -12.07 10.90
CA SER B 176 -14.20 -11.81 11.89
C SER B 176 -13.79 -10.35 11.81
N SER B 177 -14.05 -9.58 12.87
CA SER B 177 -13.77 -8.17 12.85
C SER B 177 -13.72 -7.67 14.28
N HIS B 178 -13.00 -6.59 14.51
CA HIS B 178 -13.14 -5.83 15.75
C HIS B 178 -14.35 -4.90 15.69
N LYS B 179 -14.40 -3.98 16.65
CA LYS B 179 -15.50 -3.04 16.93
C LYS B 179 -16.81 -3.81 17.15
N LEU B 180 -16.80 -4.57 18.24
CA LEU B 180 -17.83 -5.57 18.53
C LEU B 180 -19.24 -5.00 18.68
N GLU B 181 -19.39 -3.70 18.94
CA GLU B 181 -20.76 -3.17 19.05
C GLU B 181 -21.49 -3.22 17.71
N ASP B 182 -20.74 -3.22 16.59
CA ASP B 182 -21.37 -3.38 15.29
C ASP B 182 -21.74 -4.84 15.09
N ILE B 183 -20.96 -5.73 15.70
CA ILE B 183 -21.16 -7.17 15.63
C ILE B 183 -22.40 -7.60 16.40
N GLU B 184 -22.60 -7.05 17.60
CA GLU B 184 -23.76 -7.42 18.42
C GLU B 184 -25.09 -7.04 17.79
N LEU B 185 -25.10 -6.07 16.88
CA LEU B 185 -26.31 -5.65 16.19
C LEU B 185 -26.91 -6.77 15.35
N ILE B 186 -26.12 -7.39 14.45
CA ILE B 186 -26.62 -8.49 13.64
C ILE B 186 -25.60 -9.63 13.67
N CYS B 187 -25.87 -10.64 14.50
CA CYS B 187 -25.22 -11.93 14.75
C CYS B 187 -26.10 -12.74 15.70
N ASP B 188 -26.10 -14.05 15.51
CA ASP B 188 -26.83 -14.92 16.43
C ASP B 188 -25.89 -15.61 17.42
N ARG B 189 -24.62 -15.81 17.06
CA ARG B 189 -23.71 -16.54 17.92
C ARG B 189 -22.29 -16.09 17.62
N ALA B 190 -21.50 -15.98 18.69
CA ALA B 190 -20.11 -15.55 18.65
C ALA B 190 -19.19 -16.57 19.30
N VAL B 191 -18.01 -16.74 18.74
CA VAL B 191 -17.01 -17.66 19.26
C VAL B 191 -15.76 -16.87 19.61
N PHE B 192 -15.14 -17.22 20.73
CA PHE B 192 -13.98 -16.53 21.27
C PHE B 192 -12.75 -17.42 21.20
N LEU B 193 -11.68 -16.88 20.63
CA LEU B 193 -10.44 -17.61 20.37
C LEU B 193 -9.33 -17.07 21.27
N ARG B 194 -8.71 -17.98 22.01
CA ARG B 194 -7.61 -17.70 22.93
C ARG B 194 -6.71 -18.91 22.94
N ASP B 195 -5.41 -18.67 22.70
CA ASP B 195 -4.30 -19.65 22.75
C ASP B 195 -4.57 -20.82 21.80
N GLY B 196 -5.18 -20.50 20.67
CA GLY B 196 -5.46 -21.46 19.64
C GLY B 196 -6.69 -22.29 19.88
N HIS B 197 -7.49 -21.98 20.91
CA HIS B 197 -8.68 -22.74 21.20
C HIS B 197 -9.87 -21.80 21.34
N PHE B 198 -11.06 -22.34 21.09
CA PHE B 198 -12.30 -21.60 21.32
C PHE B 198 -12.74 -21.81 22.76
N VAL B 199 -12.39 -20.85 23.61
CA VAL B 199 -12.61 -20.97 25.05
C VAL B 199 -14.09 -20.90 25.41
N GLN B 200 -14.83 -19.95 24.86
CA GLN B 200 -16.21 -19.75 25.27
C GLN B 200 -17.05 -19.63 24.01
N ASP B 201 -18.32 -20.05 24.08
CA ASP B 201 -19.23 -19.95 22.94
C ASP B 201 -20.59 -19.42 23.38
N VAL B 202 -20.81 -18.12 23.28
CA VAL B 202 -22.06 -17.52 23.71
C VAL B 202 -23.03 -17.44 22.53
N ASN B 203 -24.23 -17.98 22.70
CA ASN B 203 -25.26 -17.93 21.68
C ASN B 203 -26.45 -17.07 22.11
N MET B 204 -26.84 -16.12 21.26
CA MET B 204 -27.96 -15.24 21.60
C MET B 204 -29.01 -15.28 20.52
N GLU B 205 -30.23 -15.66 20.90
CA GLU B 205 -31.36 -15.80 19.99
C GLU B 205 -32.51 -14.87 20.38
N GLU B 206 -32.91 -14.84 21.66
CA GLU B 206 -34.04 -14.01 22.07
C GLU B 206 -33.44 -12.89 22.91
N GLY B 207 -34.26 -11.91 23.26
CA GLY B 207 -33.71 -10.78 23.97
C GLY B 207 -33.72 -10.81 25.48
N VAL B 208 -33.67 -12.03 26.08
CA VAL B 208 -33.57 -12.13 27.54
C VAL B 208 -32.24 -11.54 28.01
N ALA B 209 -31.16 -11.87 27.28
CA ALA B 209 -29.84 -11.21 27.36
C ALA B 209 -29.10 -11.42 28.67
N SER B 210 -29.70 -12.09 29.67
CA SER B 210 -29.08 -12.42 30.97
C SER B 210 -28.51 -11.14 31.60
N ASP B 211 -29.47 -10.29 31.97
CA ASP B 211 -29.26 -8.98 32.57
C ASP B 211 -28.39 -9.03 33.81
N THR B 212 -27.50 -8.03 33.96
CA THR B 212 -26.55 -8.06 35.05
C THR B 212 -26.37 -6.67 35.68
N THR B 213 -25.82 -6.69 36.90
CA THR B 213 -25.53 -5.50 37.69
C THR B 213 -24.02 -5.41 37.91
N ILE B 214 -23.46 -4.22 37.67
CA ILE B 214 -22.02 -3.99 37.73
C ILE B 214 -21.68 -3.14 38.96
N VAL B 215 -20.72 -3.63 39.75
CA VAL B 215 -20.20 -2.92 40.91
C VAL B 215 -18.71 -2.67 40.70
N THR B 216 -18.30 -1.41 40.84
CA THR B 216 -16.94 -0.95 40.59
C THR B 216 -16.35 -0.49 41.92
N VAL B 217 -15.09 -0.90 42.19
CA VAL B 217 -14.41 -0.51 43.43
C VAL B 217 -12.89 -0.71 43.30
N ASP B 218 -12.16 0.01 44.17
CA ASP B 218 -10.71 0.05 44.17
C ASP B 218 -10.15 -1.29 44.64
N HIS B 219 -8.88 -1.56 44.30
CA HIS B 219 -8.26 -2.88 44.49
C HIS B 219 -8.19 -3.36 45.93
N LYS B 220 -7.76 -2.49 46.86
CA LYS B 220 -7.66 -2.82 48.29
C LYS B 220 -8.97 -3.23 48.94
N ASP B 221 -10.10 -2.80 48.41
CA ASP B 221 -11.43 -3.23 48.80
C ASP B 221 -12.05 -4.32 47.92
N PHE B 222 -11.56 -4.48 46.69
CA PHE B 222 -12.13 -5.45 45.75
C PHE B 222 -11.93 -6.89 46.23
N ASP B 223 -10.79 -7.16 46.90
CA ASP B 223 -10.53 -8.48 47.47
C ASP B 223 -11.59 -8.86 48.50
N ARG B 224 -11.87 -7.97 49.45
CA ARG B 224 -12.86 -8.26 50.47
C ARG B 224 -14.28 -8.37 49.90
N THR B 225 -14.65 -7.46 48.97
CA THR B 225 -16.00 -7.50 48.39
C THR B 225 -16.24 -8.78 47.56
N GLU B 226 -15.26 -9.26 46.79
CA GLU B 226 -15.46 -10.49 46.03
C GLU B 226 -15.69 -11.69 46.96
N LYS B 227 -14.89 -11.81 48.03
CA LYS B 227 -15.05 -12.90 48.99
C LYS B 227 -16.42 -12.86 49.67
N TYR B 228 -16.84 -11.68 50.13
CA TYR B 228 -18.11 -11.54 50.84
C TYR B 228 -19.29 -11.85 49.93
N LEU B 229 -19.22 -11.34 48.69
CA LEU B 229 -20.31 -11.53 47.75
C LEU B 229 -20.33 -12.96 47.21
N ALA B 230 -19.17 -13.61 47.14
CA ALA B 230 -19.17 -15.03 46.82
C ALA B 230 -19.75 -15.87 47.95
N GLU B 231 -19.50 -15.50 49.21
CA GLU B 231 -20.11 -16.18 50.35
C GLU B 231 -21.63 -15.99 50.41
N HIS B 232 -22.16 -14.86 49.93
CA HIS B 232 -23.61 -14.65 49.95
C HIS B 232 -24.33 -15.02 48.66
N PHE B 233 -23.96 -14.42 47.53
CA PHE B 233 -24.69 -14.52 46.29
C PHE B 233 -23.81 -15.29 45.31
N GLN B 234 -24.29 -15.46 44.10
CA GLN B 234 -23.55 -16.16 43.07
C GLN B 234 -22.97 -15.09 42.15
N LEU B 235 -21.68 -15.21 41.86
CA LEU B 235 -20.97 -14.18 41.11
C LEU B 235 -20.76 -14.66 39.69
N GLN B 236 -20.95 -13.76 38.73
CA GLN B 236 -20.75 -14.16 37.35
C GLN B 236 -19.38 -13.81 36.78
N ASN B 237 -18.99 -12.53 36.73
CA ASN B 237 -17.70 -12.24 36.11
C ASN B 237 -16.91 -11.21 36.92
N VAL B 238 -15.58 -11.22 36.75
CA VAL B 238 -14.67 -10.29 37.43
C VAL B 238 -13.59 -9.77 36.48
N ASP B 239 -13.25 -8.48 36.65
CA ASP B 239 -12.16 -7.79 35.97
C ASP B 239 -11.30 -7.18 37.09
N LYS B 240 -10.07 -7.67 37.22
CA LYS B 240 -9.20 -7.25 38.33
C LYS B 240 -8.63 -5.85 38.14
N ALA B 241 -8.19 -5.50 36.92
CA ALA B 241 -7.47 -4.24 36.70
C ALA B 241 -8.34 -3.02 36.96
N ASP B 242 -9.58 -3.03 36.47
CA ASP B 242 -10.49 -1.92 36.67
C ASP B 242 -11.32 -2.08 37.92
N GLY B 243 -11.21 -3.22 38.60
CA GLY B 243 -12.02 -3.54 39.76
C GLY B 243 -13.49 -3.66 39.44
N HIS B 244 -13.83 -4.21 38.27
CA HIS B 244 -15.21 -4.33 37.83
C HIS B 244 -15.75 -5.72 38.13
N LEU B 245 -16.82 -5.79 38.92
CA LEU B 245 -17.39 -7.08 39.29
C LEU B 245 -18.83 -7.10 38.81
N MET B 246 -19.20 -8.13 38.06
CA MET B 246 -20.48 -8.19 37.37
C MET B 246 -21.25 -9.38 37.92
N ILE B 247 -22.09 -9.11 38.93
CA ILE B 247 -23.06 -10.06 39.43
C ILE B 247 -24.32 -10.00 38.56
N ASN B 248 -25.21 -10.99 38.73
CA ASN B 248 -26.49 -11.06 38.02
C ASN B 248 -27.44 -9.94 38.43
N ALA B 249 -28.57 -9.86 37.72
CA ALA B 249 -29.56 -8.82 37.92
C ALA B 249 -30.24 -8.89 39.30
N GLN B 250 -30.17 -7.78 40.04
CA GLN B 250 -30.81 -7.66 41.36
C GLN B 250 -31.84 -6.55 41.29
N LYS B 251 -33.09 -6.88 41.63
CA LYS B 251 -34.17 -5.90 41.53
C LYS B 251 -34.04 -4.88 42.66
N ASN B 252 -33.71 -5.35 43.86
CA ASN B 252 -33.64 -4.49 45.03
C ASN B 252 -32.17 -4.38 45.43
N TYR B 253 -31.68 -3.15 45.56
CA TYR B 253 -30.30 -2.94 45.96
C TYR B 253 -30.11 -2.86 47.46
N GLN B 254 -31.18 -2.93 48.25
CA GLN B 254 -31.09 -2.72 49.70
C GLN B 254 -30.23 -3.74 50.45
N VAL B 255 -30.39 -5.05 50.20
CA VAL B 255 -29.60 -6.00 50.98
C VAL B 255 -28.11 -5.95 50.63
N ILE B 256 -27.78 -5.68 49.36
CA ILE B 256 -26.37 -5.54 48.99
C ILE B 256 -25.79 -4.26 49.58
N LEU B 257 -26.53 -3.13 49.46
CA LEU B 257 -25.99 -1.86 49.95
C LEU B 257 -25.84 -1.85 51.47
N LYS B 258 -26.81 -2.43 52.20
CA LYS B 258 -26.70 -2.52 53.66
C LYS B 258 -25.52 -3.38 54.06
N ALA B 259 -25.34 -4.53 53.41
CA ALA B 259 -24.21 -5.40 53.74
C ALA B 259 -22.88 -4.72 53.43
N LEU B 260 -22.78 -4.01 52.30
CA LEU B 260 -21.52 -3.33 52.00
C LEU B 260 -21.29 -2.13 52.92
N SER B 261 -22.37 -1.53 53.48
CA SER B 261 -22.12 -0.43 54.42
C SER B 261 -21.61 -0.94 55.76
N GLU B 262 -22.21 -2.01 56.31
CA GLU B 262 -21.64 -2.56 57.53
C GLU B 262 -20.29 -3.26 57.27
N LEU B 263 -20.03 -3.61 56.01
CA LEU B 263 -18.77 -4.12 55.50
C LEU B 263 -17.73 -3.04 55.22
N ASP B 264 -18.15 -1.75 55.16
CA ASP B 264 -17.28 -0.56 54.99
C ASP B 264 -16.77 -0.38 53.57
N ILE B 265 -17.14 -1.24 52.62
CA ILE B 265 -16.78 -1.02 51.21
C ILE B 265 -17.97 -0.41 50.51
N TYR B 266 -17.70 0.37 49.46
CA TYR B 266 -18.73 1.20 48.80
C TYR B 266 -18.47 1.16 47.31
N PRO B 267 -19.49 1.26 46.46
CA PRO B 267 -19.23 1.20 45.02
C PRO B 267 -19.06 2.59 44.42
N LYS B 268 -18.26 2.68 43.36
CA LYS B 268 -18.15 3.96 42.66
C LYS B 268 -19.34 4.22 41.74
N TYR B 269 -19.87 3.19 41.08
CA TYR B 269 -20.92 3.43 40.10
C TYR B 269 -21.83 2.20 40.05
N ILE B 270 -23.15 2.43 40.07
CA ILE B 270 -24.10 1.32 39.98
C ILE B 270 -25.16 1.58 38.92
N GLU B 271 -25.36 0.59 38.07
CA GLU B 271 -26.32 0.57 36.98
C GLU B 271 -26.67 -0.89 36.75
N THR B 272 -27.78 -1.15 36.05
CA THR B 272 -28.09 -2.50 35.63
C THR B 272 -28.25 -2.45 34.11
N ARG B 273 -27.62 -3.39 33.43
CA ARG B 273 -27.64 -3.35 31.98
C ARG B 273 -27.46 -4.78 31.46
N LYS B 274 -27.86 -4.99 30.21
CA LYS B 274 -27.75 -6.29 29.55
C LYS B 274 -26.29 -6.63 29.31
N SER B 275 -25.91 -7.87 29.56
CA SER B 275 -24.50 -8.22 29.36
C SER B 275 -24.15 -8.19 27.88
N SER B 276 -22.85 -8.03 27.59
CA SER B 276 -22.47 -7.92 26.19
C SER B 276 -21.14 -8.61 25.91
N LEU B 277 -20.76 -8.51 24.63
CA LEU B 277 -19.49 -9.08 24.24
C LEU B 277 -18.31 -8.21 24.62
N ARG B 278 -18.52 -6.92 24.96
CA ARG B 278 -17.38 -6.13 25.38
C ARG B 278 -16.91 -6.62 26.73
N ASP B 279 -17.88 -6.93 27.59
CA ASP B 279 -17.62 -7.46 28.92
C ASP B 279 -16.98 -8.83 28.83
N THR B 280 -17.53 -9.72 28.00
CA THR B 280 -16.93 -11.05 27.84
C THR B 280 -15.53 -11.01 27.22
N TYR B 281 -15.32 -10.20 26.17
CA TYR B 281 -14.02 -10.11 25.51
C TYR B 281 -12.95 -9.59 26.47
N PHE B 282 -13.29 -8.52 27.22
CA PHE B 282 -12.32 -7.95 28.14
C PHE B 282 -12.04 -8.89 29.30
N ASN B 283 -13.09 -9.58 29.79
CA ASN B 283 -12.93 -10.57 30.85
C ASN B 283 -11.99 -11.70 30.44
N ILE B 284 -12.14 -12.20 29.21
CA ILE B 284 -11.30 -13.31 28.78
C ILE B 284 -9.86 -12.83 28.56
N ASN B 285 -9.69 -11.69 27.90
CA ASN B 285 -8.37 -11.33 27.41
C ASN B 285 -7.69 -10.18 28.14
N GLN B 286 -8.06 -9.80 29.37
CA GLN B 286 -7.24 -8.76 29.99
C GLN B 286 -6.04 -9.33 30.74
N ARG B 287 -5.97 -10.65 30.93
CA ARG B 287 -4.84 -11.23 31.67
C ARG B 287 -3.44 -11.12 31.06
N GLY B 288 -3.29 -11.26 29.73
CA GLY B 288 -1.97 -11.07 29.12
C GLY B 288 -1.42 -9.66 28.96
N ASP B 289 -2.26 -8.67 28.69
CA ASP B 289 -1.67 -7.34 28.52
C ASP B 289 -1.15 -6.72 29.81
N LYS B 290 -1.93 -6.75 30.89
CA LYS B 290 -1.52 -6.17 32.16
C LYS B 290 -1.16 -7.23 33.19
N ARG C 1 16.73 25.55 13.81
CA ARG C 1 17.18 26.42 12.72
C ARG C 1 16.97 25.82 11.34
N GLY C 2 16.81 26.73 10.37
CA GLY C 2 16.67 26.33 8.97
C GLY C 2 17.92 25.68 8.41
N SER C 3 19.09 26.11 8.90
CA SER C 3 20.37 25.52 8.48
C SER C 3 20.45 24.04 8.81
N HIS C 4 20.05 23.64 10.01
CA HIS C 4 20.04 22.21 10.30
C HIS C 4 19.04 21.43 9.43
N ARG C 5 17.84 21.98 9.20
CA ARG C 5 16.88 21.29 8.32
C ARG C 5 17.42 21.08 6.89
N ILE C 6 18.08 22.09 6.32
CA ILE C 6 18.63 21.93 4.98
C ILE C 6 19.82 20.97 5.00
N LEU C 7 20.76 21.13 5.96
CA LEU C 7 21.95 20.29 5.90
C LEU C 7 21.58 18.84 6.23
N ASN C 8 20.59 18.62 7.09
CA ASN C 8 20.27 17.23 7.42
C ASN C 8 19.61 16.55 6.22
N LEU C 9 18.75 17.29 5.48
CA LEU C 9 18.17 16.65 4.30
C LEU C 9 19.20 16.32 3.22
N VAL C 10 20.12 17.25 2.92
CA VAL C 10 21.17 16.94 1.94
C VAL C 10 22.10 15.83 2.44
N LYS C 11 22.53 15.91 3.71
CA LYS C 11 23.41 14.91 4.29
C LYS C 11 22.80 13.51 4.34
N TYR C 12 21.54 13.38 4.76
CA TYR C 12 20.95 12.04 4.81
C TYR C 12 20.65 11.49 3.42
N ASP C 13 20.29 12.38 2.48
CA ASP C 13 20.12 11.95 1.09
C ASP C 13 21.46 11.43 0.55
N LEU C 14 22.55 12.16 0.83
CA LEU C 14 23.88 11.73 0.42
C LEU C 14 24.27 10.41 1.09
N TYR C 15 23.91 10.24 2.38
CA TYR C 15 24.20 8.99 3.10
C TYR C 15 23.48 7.82 2.44
N SER C 16 22.25 8.05 1.99
CA SER C 16 21.55 6.96 1.32
C SER C 16 22.23 6.67 -0.03
N ILE C 17 22.84 7.70 -0.65
CA ILE C 17 23.58 7.45 -1.90
C ILE C 17 24.82 6.59 -1.65
N PHE C 18 25.62 6.89 -0.60
CA PHE C 18 26.89 6.17 -0.41
C PHE C 18 26.72 4.77 0.19
N LYS C 19 25.52 4.40 0.60
CA LYS C 19 25.30 3.15 1.33
C LYS C 19 24.47 2.12 0.58
N SER C 20 24.73 1.92 -0.72
CA SER C 20 23.98 0.92 -1.46
C SER C 20 24.94 0.03 -2.23
N PRO C 21 24.62 -1.26 -2.43
CA PRO C 21 25.49 -2.13 -3.24
C PRO C 21 25.41 -1.92 -4.74
N LEU C 22 24.28 -1.40 -5.24
CA LEU C 22 24.15 -1.14 -6.67
C LEU C 22 25.13 -0.05 -7.14
N THR C 23 25.44 0.93 -6.30
CA THR C 23 26.44 1.96 -6.63
C THR C 23 27.80 1.34 -6.93
N TYR C 24 28.17 0.28 -6.21
CA TYR C 24 29.46 -0.34 -6.47
C TYR C 24 29.38 -1.38 -7.57
N LEU C 25 28.22 -2.03 -7.72
CA LEU C 25 28.03 -2.90 -8.87
C LEU C 25 28.15 -2.10 -10.17
N ALA C 26 27.52 -0.91 -10.19
CA ALA C 26 27.58 -0.04 -11.36
C ALA C 26 29.00 0.46 -11.64
N ILE C 27 29.75 0.87 -10.59
CA ILE C 27 31.11 1.34 -10.84
C ILE C 27 31.99 0.19 -11.36
N LEU C 28 31.86 -1.02 -10.77
CA LEU C 28 32.65 -2.17 -11.23
C LEU C 28 32.32 -2.57 -12.66
N VAL C 29 31.02 -2.54 -13.04
CA VAL C 29 30.66 -2.89 -14.41
C VAL C 29 31.19 -1.85 -15.40
N VAL C 30 31.01 -0.56 -15.11
CA VAL C 30 31.45 0.49 -16.03
C VAL C 30 32.97 0.48 -16.17
N SER C 31 33.69 0.34 -15.05
CA SER C 31 35.14 0.31 -15.11
C SER C 31 35.65 -0.89 -15.90
N SER C 32 35.03 -2.05 -15.69
CA SER C 32 35.41 -3.25 -16.45
C SER C 32 35.13 -3.08 -17.95
N LEU C 33 33.96 -2.54 -18.30
CA LEU C 33 33.63 -2.31 -19.70
C LEU C 33 34.56 -1.30 -20.37
N ILE C 34 34.84 -0.18 -19.70
CA ILE C 34 35.72 0.84 -20.28
C ILE C 34 37.14 0.32 -20.43
N ALA C 35 37.65 -0.40 -19.42
CA ALA C 35 39.00 -0.95 -19.53
C ALA C 35 39.11 -2.00 -20.62
N THR C 36 38.11 -2.89 -20.73
CA THR C 36 38.12 -3.90 -21.80
C THR C 36 38.06 -3.27 -23.19
N GLN C 37 37.16 -2.30 -23.39
CA GLN C 37 37.08 -1.66 -24.71
C GLN C 37 38.36 -0.93 -25.08
N SER C 38 38.92 -0.14 -24.16
CA SER C 38 40.14 0.61 -24.48
C SER C 38 41.33 -0.31 -24.73
N ILE C 39 41.53 -1.33 -23.89
CA ILE C 39 42.65 -2.25 -24.07
C ILE C 39 42.50 -3.07 -25.34
N LEU C 40 41.29 -3.60 -25.61
CA LEU C 40 41.08 -4.39 -26.81
C LEU C 40 41.23 -3.57 -28.08
N MET C 41 40.69 -2.35 -28.11
CA MET C 41 40.81 -1.61 -29.35
C MET C 41 42.21 -1.05 -29.57
N ALA C 42 42.92 -0.70 -28.50
CA ALA C 42 44.25 -0.11 -28.68
C ALA C 42 45.41 -1.09 -28.82
N ASN C 43 45.33 -2.33 -28.31
CA ASN C 43 46.57 -3.11 -28.38
C ASN C 43 46.69 -4.08 -29.55
N SER C 44 45.71 -4.14 -30.46
CA SER C 44 45.88 -5.06 -31.60
C SER C 44 45.18 -4.70 -32.89
N MET C 45 44.61 -3.50 -33.08
CA MET C 45 43.85 -3.30 -34.32
C MET C 45 44.75 -2.84 -35.47
N ASP C 46 46.04 -2.65 -35.21
CA ASP C 46 47.03 -2.34 -36.22
C ASP C 46 48.44 -2.76 -35.79
N ASN C 47 48.53 -3.45 -34.66
CA ASN C 47 49.78 -3.89 -34.04
C ASN C 47 50.72 -2.70 -33.82
N PRO C 48 50.31 -1.70 -33.02
CA PRO C 48 51.22 -0.57 -32.74
C PRO C 48 52.30 -0.92 -31.74
N LYS C 49 53.05 0.11 -31.33
CA LYS C 49 54.12 -0.02 -30.34
C LYS C 49 53.50 0.39 -28.99
N HIS C 50 52.31 -0.17 -28.78
CA HIS C 50 51.46 -0.06 -27.59
C HIS C 50 51.02 1.37 -27.28
N ILE C 51 50.88 2.19 -28.33
CA ILE C 51 50.36 3.56 -28.18
C ILE C 51 48.85 3.45 -27.95
N ILE C 52 48.29 4.35 -27.13
CA ILE C 52 46.85 4.34 -26.91
C ILE C 52 46.31 5.75 -27.14
N VAL C 53 45.19 5.82 -27.85
CA VAL C 53 44.49 7.07 -28.13
C VAL C 53 43.37 7.30 -27.11
N TYR C 54 43.40 8.48 -26.47
CA TYR C 54 42.54 8.77 -25.33
C TYR C 54 41.17 9.34 -25.66
N GLY C 55 40.90 9.63 -26.94
CA GLY C 55 39.60 10.19 -27.29
C GLY C 55 38.45 9.23 -27.05
N SER C 56 38.65 7.96 -27.41
CA SER C 56 37.61 6.95 -27.22
C SER C 56 37.34 6.69 -25.74
N VAL C 57 38.38 6.59 -24.91
CA VAL C 57 38.18 6.40 -23.47
C VAL C 57 37.46 7.61 -22.85
N PHE C 58 37.87 8.85 -23.21
CA PHE C 58 37.16 10.04 -22.75
C PHE C 58 35.69 10.01 -23.10
N ALA C 59 35.37 9.77 -24.38
CA ALA C 59 33.97 9.81 -24.82
C ALA C 59 33.15 8.68 -24.20
N ALA C 60 33.69 7.45 -24.18
CA ALA C 60 32.95 6.32 -23.64
C ALA C 60 32.70 6.45 -22.14
N ALA C 61 33.75 6.80 -21.37
CA ALA C 61 33.58 6.98 -19.93
C ALA C 61 32.62 8.12 -19.62
N LYS C 62 32.73 9.22 -20.38
CA LYS C 62 31.85 10.36 -20.23
C LYS C 62 30.40 9.96 -20.50
N TRP C 63 30.14 9.23 -21.59
CA TRP C 63 28.77 8.84 -21.94
C TRP C 63 28.15 7.94 -20.86
N LEU C 64 28.86 6.88 -20.44
CA LEU C 64 28.31 5.99 -19.42
C LEU C 64 28.10 6.70 -18.08
N LEU C 65 29.08 7.52 -17.65
CA LEU C 65 28.94 8.18 -16.36
C LEU C 65 27.84 9.24 -16.37
N LEU C 66 27.64 9.96 -17.47
CA LEU C 66 26.51 10.89 -17.52
C LEU C 66 25.17 10.15 -17.46
N ILE C 67 25.01 9.05 -18.20
CA ILE C 67 23.71 8.37 -18.18
C ILE C 67 23.46 7.71 -16.81
N ILE C 68 24.54 7.39 -16.10
CA ILE C 68 24.34 6.85 -14.75
C ILE C 68 24.09 7.95 -13.74
N GLY C 69 24.83 9.06 -13.82
CA GLY C 69 24.58 10.15 -12.88
C GLY C 69 23.21 10.74 -13.07
N LEU C 70 22.74 10.79 -14.32
CA LEU C 70 21.38 11.24 -14.62
C LEU C 70 20.34 10.35 -13.96
N MET C 71 20.46 9.02 -14.09
CA MET C 71 19.50 8.14 -13.43
C MET C 71 19.60 8.17 -11.90
N PHE C 72 20.83 8.27 -11.37
CA PHE C 72 21.01 8.45 -9.93
C PHE C 72 20.37 9.74 -9.41
N VAL C 73 20.39 10.82 -10.20
CA VAL C 73 19.71 12.05 -9.79
C VAL C 73 18.21 11.87 -9.86
N VAL C 74 17.71 11.22 -10.91
CA VAL C 74 16.26 11.03 -11.04
C VAL C 74 15.73 10.17 -9.89
N LYS C 75 16.43 9.08 -9.56
CA LYS C 75 16.04 8.24 -8.42
C LYS C 75 16.09 9.01 -7.10
N THR C 76 17.15 9.80 -6.91
CA THR C 76 17.33 10.59 -5.70
C THR C 76 16.21 11.61 -5.52
N ILE C 77 15.83 12.30 -6.60
CA ILE C 77 14.81 13.32 -6.50
C ILE C 77 13.40 12.72 -6.48
N THR C 78 13.26 11.49 -6.94
CA THR C 78 11.90 10.94 -6.94
C THR C 78 11.62 9.93 -5.85
N ARG C 79 12.61 9.58 -5.01
CA ARG C 79 12.41 8.63 -3.93
C ARG C 79 11.27 9.08 -3.01
N ASP C 80 11.35 10.31 -2.53
CA ASP C 80 10.40 10.86 -1.57
C ASP C 80 9.01 11.01 -2.17
N PHE C 81 8.92 11.46 -3.43
CA PHE C 81 7.67 11.58 -4.17
C PHE C 81 7.04 10.23 -4.48
N SER C 82 7.84 9.18 -4.59
CA SER C 82 7.31 7.84 -4.83
C SER C 82 6.53 7.31 -3.63
N GLN C 83 7.11 7.43 -2.43
CA GLN C 83 6.45 6.97 -1.22
C GLN C 83 5.46 7.97 -0.60
N GLY C 84 5.40 9.21 -1.10
CA GLY C 84 4.50 10.19 -0.52
C GLY C 84 4.91 10.79 0.81
N THR C 85 6.18 10.62 1.22
CA THR C 85 6.61 11.25 2.46
C THR C 85 6.81 12.76 2.28
N ILE C 86 6.65 13.26 1.04
CA ILE C 86 6.71 14.67 0.73
C ILE C 86 5.60 15.41 1.46
N GLN C 87 4.50 14.71 1.81
CA GLN C 87 3.42 15.34 2.57
C GLN C 87 3.89 15.81 3.92
N LEU C 88 4.87 15.13 4.50
CA LEU C 88 5.39 15.49 5.81
C LEU C 88 6.26 16.73 5.72
N TYR C 89 6.75 17.06 4.52
CA TYR C 89 7.65 18.19 4.32
C TYR C 89 6.93 19.44 3.84
N MET C 90 5.86 19.30 3.06
CA MET C 90 5.11 20.45 2.54
C MET C 90 4.13 20.98 3.58
N SER C 91 4.67 21.44 4.71
CA SER C 91 3.86 21.98 5.79
C SER C 91 3.87 23.50 5.85
N LYS C 92 5.03 24.12 6.05
CA LYS C 92 5.14 25.57 6.16
C LYS C 92 5.98 26.08 5.00
N VAL C 93 5.91 27.39 4.76
CA VAL C 93 6.63 27.98 3.64
C VAL C 93 8.15 27.86 3.79
N LYS C 94 8.68 28.09 5.00
CA LYS C 94 10.13 28.01 5.21
C LYS C 94 10.69 26.61 4.95
N THR C 95 10.00 25.56 5.43
CA THR C 95 10.41 24.20 5.11
C THR C 95 10.22 23.89 3.61
N ARG C 96 9.12 24.37 3.00
CA ARG C 96 8.88 24.14 1.58
C ARG C 96 9.96 24.76 0.70
N VAL C 97 10.60 25.83 1.15
CA VAL C 97 11.68 26.43 0.37
C VAL C 97 13.00 25.75 0.69
N GLY C 98 13.22 25.43 1.97
CA GLY C 98 14.42 24.71 2.38
C GLY C 98 14.54 23.34 1.73
N TYR C 99 13.40 22.71 1.44
CA TYR C 99 13.38 21.44 0.72
C TYR C 99 14.04 21.57 -0.64
N ILE C 100 13.67 22.61 -1.40
CA ILE C 100 14.21 22.82 -2.74
C ILE C 100 15.69 23.15 -2.66
N ILE C 101 16.08 23.99 -1.68
CA ILE C 101 17.50 24.32 -1.50
C ILE C 101 18.30 23.06 -1.20
N SER C 102 17.78 22.20 -0.32
CA SER C 102 18.46 20.95 0.03
C SER C 102 18.60 20.03 -1.18
N LYS C 103 17.54 19.96 -2.02
CA LYS C 103 17.59 19.14 -3.23
C LYS C 103 18.67 19.65 -4.19
N THR C 104 18.76 20.98 -4.35
CA THR C 104 19.79 21.57 -5.21
C THR C 104 21.19 21.27 -4.70
N ILE C 105 21.39 21.38 -3.38
CA ILE C 105 22.71 21.08 -2.79
C ILE C 105 23.04 19.61 -2.96
N SER C 106 22.04 18.72 -2.84
CA SER C 106 22.26 17.29 -3.05
C SER C 106 22.72 17.03 -4.48
N ILE C 107 22.09 17.72 -5.44
CA ILE C 107 22.47 17.60 -6.84
C ILE C 107 23.93 18.05 -7.04
N ILE C 108 24.31 19.17 -6.40
CA ILE C 108 25.68 19.68 -6.52
C ILE C 108 26.69 18.67 -5.98
N LEU C 109 26.43 18.10 -4.79
CA LEU C 109 27.36 17.12 -4.23
C LEU C 109 27.43 15.82 -5.01
N ILE C 110 26.29 15.32 -5.52
CA ILE C 110 26.34 14.10 -6.34
C ILE C 110 27.18 14.34 -7.60
N SER C 111 27.00 15.51 -8.25
CA SER C 111 27.79 15.85 -9.42
C SER C 111 29.29 15.91 -9.11
N ILE C 112 29.65 16.54 -7.97
CA ILE C 112 31.07 16.64 -7.58
C ILE C 112 31.67 15.26 -7.33
N LEU C 113 30.92 14.38 -6.64
CA LEU C 113 31.41 13.03 -6.36
C LEU C 113 31.60 12.24 -7.64
N PHE C 114 30.66 12.33 -8.58
CA PHE C 114 30.79 11.59 -9.84
C PHE C 114 31.95 12.13 -10.68
N ALA C 115 32.18 13.45 -10.63
CA ALA C 115 33.33 14.03 -11.31
C ALA C 115 34.64 13.48 -10.73
N LEU C 116 34.71 13.37 -9.40
CA LEU C 116 35.88 12.79 -8.76
C LEU C 116 36.06 11.32 -9.14
N ILE C 117 34.95 10.56 -9.24
CA ILE C 117 35.00 9.16 -9.68
C ILE C 117 35.56 9.05 -11.10
N HIS C 118 35.09 9.92 -12.01
CA HIS C 118 35.58 9.96 -13.39
C HIS C 118 37.08 10.23 -13.41
N TYR C 119 37.51 11.19 -12.58
CA TYR C 119 38.93 11.54 -12.47
C TYR C 119 39.75 10.36 -12.00
N VAL C 120 39.25 9.62 -10.99
CA VAL C 120 39.97 8.46 -10.45
C VAL C 120 40.11 7.38 -11.52
N ILE C 121 39.02 7.09 -12.25
CA ILE C 121 39.06 6.05 -13.29
C ILE C 121 40.09 6.43 -14.36
N LEU C 122 40.04 7.69 -14.81
CA LEU C 122 40.97 8.14 -15.84
C LEU C 122 42.43 8.14 -15.34
N ILE C 123 42.64 8.52 -14.07
CA ILE C 123 44.01 8.50 -13.52
C ILE C 123 44.56 7.08 -13.49
N VAL C 124 43.73 6.10 -13.09
CA VAL C 124 44.18 4.70 -13.07
C VAL C 124 44.53 4.23 -14.49
N VAL C 125 43.68 4.54 -15.48
CA VAL C 125 43.98 4.11 -16.86
C VAL C 125 45.30 4.74 -17.34
N GLN C 126 45.50 6.03 -17.07
CA GLN C 126 46.76 6.70 -17.45
C GLN C 126 47.96 6.12 -16.70
N ALA C 127 47.77 5.77 -15.42
CA ALA C 127 48.86 5.20 -14.64
C ALA C 127 49.30 3.85 -15.18
N SER C 128 48.33 3.02 -15.59
CA SER C 128 48.70 1.67 -16.04
C SER C 128 49.43 1.71 -17.37
N SER C 129 48.90 2.46 -18.35
CA SER C 129 49.43 2.41 -19.70
C SER C 129 50.56 3.40 -19.94
N ASN C 130 50.94 3.55 -21.22
CA ASN C 130 52.03 4.37 -21.69
C ASN C 130 51.57 5.33 -22.79
N GLY C 131 51.93 6.60 -22.64
CA GLY C 131 51.52 7.59 -23.62
C GLY C 131 51.81 9.00 -23.16
N LYS C 132 51.06 9.94 -23.75
CA LYS C 132 51.19 11.35 -23.42
C LYS C 132 50.01 11.84 -22.57
N ASN C 133 50.32 12.39 -21.40
CA ASN C 133 49.29 12.79 -20.45
C ASN C 133 48.51 14.01 -20.93
N LEU C 134 47.33 14.20 -20.35
CA LEU C 134 46.44 15.32 -20.63
C LEU C 134 46.70 16.50 -19.71
N ALA C 135 45.77 17.47 -19.71
CA ALA C 135 45.96 18.68 -18.92
C ALA C 135 44.84 18.85 -17.91
N PHE C 136 45.15 19.59 -16.84
CA PHE C 136 44.22 19.82 -15.74
C PHE C 136 43.05 20.72 -16.15
N SER C 137 43.28 21.68 -17.05
CA SER C 137 42.20 22.56 -17.52
C SER C 137 41.07 21.78 -18.20
N LYS C 138 41.39 20.67 -18.87
CA LYS C 138 40.40 19.79 -19.46
C LYS C 138 39.49 19.19 -18.39
N TYR C 139 40.08 18.77 -17.26
CA TYR C 139 39.31 18.19 -16.17
C TYR C 139 38.44 19.24 -15.49
N VAL C 140 38.95 20.46 -15.35
CA VAL C 140 38.15 21.54 -14.75
C VAL C 140 36.94 21.86 -15.63
N ASP C 141 37.17 21.95 -16.94
CA ASP C 141 36.08 22.18 -17.89
C ASP C 141 35.08 21.03 -17.87
N ASN C 142 35.59 19.81 -17.70
CA ASN C 142 34.77 18.61 -17.56
C ASN C 142 33.88 18.69 -16.32
N LEU C 143 34.44 19.20 -15.22
CA LEU C 143 33.67 19.41 -13.98
C LEU C 143 32.53 20.39 -14.22
N TRP C 144 32.83 21.51 -14.90
CA TRP C 144 31.79 22.50 -15.21
C TRP C 144 30.70 21.91 -16.08
N PHE C 145 31.07 21.12 -17.09
CA PHE C 145 30.07 20.52 -17.98
C PHE C 145 29.17 19.55 -17.22
N PHE C 146 29.76 18.76 -16.32
CA PHE C 146 28.97 17.87 -15.46
C PHE C 146 27.94 18.66 -14.67
N LEU C 147 28.39 19.75 -14.03
CA LEU C 147 27.49 20.61 -13.24
C LEU C 147 26.33 21.17 -14.08
N ILE C 148 26.62 21.78 -15.24
CA ILE C 148 25.56 22.40 -16.04
C ILE C 148 24.55 21.36 -16.52
N PHE C 149 25.04 20.26 -17.09
CA PHE C 149 24.16 19.21 -17.63
C PHE C 149 23.25 18.65 -16.53
N LEU C 150 23.85 18.24 -15.40
CA LEU C 150 23.07 17.60 -14.34
C LEU C 150 22.09 18.57 -13.70
N LEU C 151 22.50 19.83 -13.46
CA LEU C 151 21.61 20.84 -12.90
C LEU C 151 20.42 21.11 -13.80
N PHE C 152 20.67 21.31 -15.11
CA PHE C 152 19.60 21.60 -16.07
C PHE C 152 18.57 20.48 -16.09
N PHE C 153 19.05 19.24 -16.27
CA PHE C 153 18.13 18.12 -16.42
C PHE C 153 17.39 17.83 -15.12
N GLY C 154 18.08 17.95 -13.96
CA GLY C 154 17.43 17.73 -12.68
C GLY C 154 16.34 18.75 -12.41
N LEU C 155 16.57 20.04 -12.73
CA LEU C 155 15.51 21.04 -12.54
C LEU C 155 14.33 20.80 -13.48
N PHE C 156 14.61 20.42 -14.75
CA PHE C 156 13.52 20.11 -15.68
C PHE C 156 12.67 18.95 -15.18
N LEU C 157 13.32 17.87 -14.73
CA LEU C 157 12.59 16.72 -14.25
C LEU C 157 11.89 17.01 -12.92
N PHE C 158 12.44 17.92 -12.11
CA PHE C 158 11.76 18.34 -10.88
C PHE C 158 10.46 19.06 -11.21
N LEU C 159 10.50 19.96 -12.20
CA LEU C 159 9.27 20.64 -12.63
C LEU C 159 8.24 19.65 -13.16
N ILE C 160 8.69 18.69 -13.98
CA ILE C 160 7.76 17.71 -14.56
C ILE C 160 7.14 16.84 -13.46
N THR C 161 7.95 16.40 -12.48
CA THR C 161 7.43 15.53 -11.43
C THR C 161 6.54 16.30 -10.46
N LEU C 162 6.79 17.60 -10.30
CA LEU C 162 5.88 18.45 -9.54
C LEU C 162 4.53 18.56 -10.23
N ALA C 163 4.54 18.72 -11.55
CA ALA C 163 3.28 18.85 -12.29
C ALA C 163 2.52 17.52 -12.33
N SER C 164 3.23 16.39 -12.41
CA SER C 164 2.56 15.13 -12.68
C SER C 164 2.31 14.23 -11.46
N GLN C 165 3.24 14.21 -10.49
CA GLN C 165 3.18 13.37 -9.27
C GLN C 165 3.19 11.87 -9.63
N LYS C 166 3.85 11.53 -10.74
CA LYS C 166 4.02 10.16 -11.20
C LYS C 166 5.51 9.86 -11.33
N THR C 167 5.94 8.67 -10.91
CA THR C 167 7.37 8.37 -10.90
C THR C 167 7.81 7.54 -12.10
N ALA C 168 6.92 6.66 -12.59
CA ALA C 168 7.23 5.85 -13.77
C ALA C 168 7.33 6.75 -14.99
N MET C 169 6.46 7.78 -15.04
CA MET C 169 6.42 8.74 -16.12
C MET C 169 7.73 9.52 -16.18
N ILE C 170 8.28 9.87 -15.02
CA ILE C 170 9.54 10.57 -14.93
C ILE C 170 10.67 9.72 -15.46
N PHE C 171 10.67 8.43 -15.06
CA PHE C 171 11.73 7.53 -15.53
C PHE C 171 11.69 7.38 -17.05
N SER C 172 10.48 7.24 -17.62
CA SER C 172 10.36 7.12 -19.07
C SER C 172 10.73 8.41 -19.80
N LEU C 173 10.25 9.57 -19.32
CA LEU C 173 10.57 10.81 -20.03
C LEU C 173 12.05 11.16 -19.91
N GLY C 174 12.66 10.89 -18.75
CA GLY C 174 14.08 11.14 -18.61
C GLY C 174 14.91 10.32 -19.58
N VAL C 175 14.65 9.00 -19.65
CA VAL C 175 15.39 8.14 -20.60
C VAL C 175 15.07 8.55 -22.04
N PHE C 176 13.80 8.85 -22.32
CA PHE C 176 13.35 9.26 -23.64
C PHE C 176 14.04 10.52 -24.11
N LEU C 177 14.07 11.56 -23.26
CA LEU C 177 14.68 12.81 -23.64
C LEU C 177 16.19 12.72 -23.78
N VAL C 178 16.87 11.92 -22.94
CA VAL C 178 18.31 11.86 -23.16
C VAL C 178 18.67 11.03 -24.40
N LEU C 179 18.03 9.88 -24.62
CA LEU C 179 18.59 9.01 -25.67
C LEU C 179 17.86 9.03 -27.00
N ILE C 180 16.74 9.73 -27.17
CA ILE C 180 16.04 9.62 -28.44
C ILE C 180 16.57 10.60 -29.48
N VAL C 181 16.92 11.82 -29.06
CA VAL C 181 17.34 12.83 -30.04
C VAL C 181 18.64 12.48 -30.77
N PRO C 182 19.76 12.06 -30.10
CA PRO C 182 20.92 11.67 -30.92
C PRO C 182 20.64 10.48 -31.83
N PHE C 183 19.72 9.59 -31.41
CA PHE C 183 19.32 8.42 -32.19
C PHE C 183 18.40 8.81 -33.34
N ILE C 184 17.49 9.78 -33.12
CA ILE C 184 16.54 10.12 -34.17
C ILE C 184 17.17 11.03 -35.21
N LYS C 185 18.12 11.91 -34.80
CA LYS C 185 18.64 12.94 -35.69
C LYS C 185 19.26 12.47 -37.02
N PRO C 186 20.13 11.43 -37.08
CA PRO C 186 20.67 11.01 -38.40
C PRO C 186 19.64 10.51 -39.37
N PHE C 187 18.56 9.90 -38.90
CA PHE C 187 17.60 9.33 -39.82
C PHE C 187 16.62 10.37 -40.36
N ILE C 188 16.63 11.60 -39.83
CA ILE C 188 15.64 12.57 -40.28
C ILE C 188 16.19 13.93 -40.71
N THR C 189 17.24 14.50 -40.06
CA THR C 189 17.64 15.87 -40.45
C THR C 189 18.17 16.00 -41.89
N PHE C 190 18.96 15.03 -42.38
CA PHE C 190 19.53 15.20 -43.72
C PHE C 190 18.50 15.07 -44.85
N ILE C 191 17.31 14.56 -44.55
CA ILE C 191 16.22 14.38 -45.52
C ILE C 191 15.57 15.64 -46.10
N PRO C 192 15.05 16.61 -45.32
CA PRO C 192 14.34 17.72 -45.96
C PRO C 192 15.19 18.73 -46.73
N ARG C 193 14.45 19.65 -47.33
CA ARG C 193 14.84 20.89 -47.98
C ARG C 193 14.81 22.04 -46.99
N TYR C 194 14.79 21.69 -45.70
CA TYR C 194 14.75 22.57 -44.55
C TYR C 194 15.76 22.17 -43.49
N GLY C 195 16.60 21.16 -43.76
CA GLY C 195 17.51 20.66 -42.74
C GLY C 195 18.55 21.70 -42.34
N GLU C 196 19.10 22.44 -43.32
CA GLU C 196 20.11 23.44 -42.98
C GLU C 196 19.49 24.56 -42.14
N LYS C 197 18.26 24.96 -42.50
CA LYS C 197 17.54 26.01 -41.77
C LYS C 197 17.24 25.58 -40.34
N VAL C 198 16.76 24.34 -40.18
CA VAL C 198 16.48 23.84 -38.84
C VAL C 198 17.78 23.67 -38.06
N LEU C 199 18.86 23.26 -38.74
CA LEU C 199 20.18 23.08 -38.13
C LEU C 199 20.72 24.41 -37.59
N ASP C 200 20.53 25.50 -38.33
CA ASP C 200 21.00 26.78 -37.78
C ASP C 200 20.12 27.19 -36.61
N ALA C 201 18.81 26.91 -36.71
CA ALA C 201 17.87 27.21 -35.63
C ALA C 201 18.04 26.26 -34.42
N PHE C 202 18.75 25.14 -34.61
CA PHE C 202 19.06 24.16 -33.56
C PHE C 202 20.00 24.68 -32.48
N ASP C 203 20.60 25.85 -32.66
CA ASP C 203 21.55 26.35 -31.66
C ASP C 203 20.87 27.14 -30.55
N TYR C 204 19.53 27.22 -30.53
CA TYR C 204 18.90 27.99 -29.46
C TYR C 204 17.99 27.15 -28.57
N ILE C 205 17.46 26.02 -29.03
CA ILE C 205 16.69 25.15 -28.15
C ILE C 205 17.68 24.37 -27.28
N PRO C 206 17.56 24.48 -25.95
CA PRO C 206 18.55 23.87 -25.03
C PRO C 206 18.72 22.35 -25.09
N PHE C 207 17.61 21.64 -25.30
CA PHE C 207 17.59 20.17 -25.31
C PHE C 207 18.50 19.56 -26.35
N ALA C 208 18.43 20.04 -27.59
CA ALA C 208 19.16 19.40 -28.67
C ALA C 208 20.67 19.47 -28.50
N TYR C 209 21.23 20.68 -28.31
CA TYR C 209 22.67 20.78 -28.23
C TYR C 209 23.27 20.34 -26.90
N LEU C 210 22.55 20.48 -25.76
CA LEU C 210 23.11 19.93 -24.51
C LEU C 210 23.26 18.41 -24.58
N THR C 211 22.28 17.72 -25.14
CA THR C 211 22.39 16.28 -25.31
C THR C 211 23.37 15.91 -26.43
N ASP C 212 23.41 16.71 -27.51
CA ASP C 212 24.32 16.40 -28.63
C ASP C 212 25.78 16.48 -28.19
N LYS C 213 26.16 17.52 -27.44
CA LYS C 213 27.58 17.61 -27.10
C LYS C 213 27.99 16.67 -25.98
N MET C 214 27.09 15.80 -25.50
CA MET C 214 27.40 14.88 -24.41
C MET C 214 28.35 13.76 -24.86
N ILE C 215 28.25 13.32 -26.10
CA ILE C 215 29.05 12.20 -26.59
C ILE C 215 30.30 12.71 -27.30
N SER C 216 30.46 14.02 -27.38
CA SER C 216 31.61 14.62 -28.00
C SER C 216 32.84 14.52 -27.12
N SER C 217 34.01 14.46 -27.74
CA SER C 217 35.25 14.37 -26.97
C SER C 217 35.84 15.75 -26.73
N ASN C 218 35.21 16.78 -27.28
CA ASN C 218 35.59 18.17 -27.08
C ASN C 218 34.29 18.95 -26.92
N PHE C 219 34.37 20.01 -26.12
CA PHE C 219 33.21 20.82 -25.78
C PHE C 219 33.68 22.25 -25.52
N ASP C 220 33.20 23.12 -26.39
CA ASP C 220 33.45 24.56 -26.28
C ASP C 220 32.15 25.26 -26.63
N PHE C 221 31.92 26.43 -26.02
CA PHE C 221 30.67 27.13 -26.16
C PHE C 221 30.90 28.60 -26.46
N SER C 222 29.91 29.21 -27.08
CA SER C 222 29.88 30.65 -27.26
C SER C 222 29.11 31.35 -26.13
N ASN C 223 29.31 32.67 -26.08
CA ASN C 223 28.73 33.51 -25.03
C ASN C 223 27.22 33.45 -25.01
N TRP C 224 26.58 33.51 -26.18
CA TRP C 224 25.11 33.46 -26.23
C TRP C 224 24.60 32.12 -25.72
N GLN C 225 25.30 31.04 -26.05
CA GLN C 225 24.92 29.71 -25.57
C GLN C 225 25.04 29.62 -24.06
N TRP C 226 26.14 30.17 -23.52
CA TRP C 226 26.35 30.15 -22.07
C TRP C 226 25.28 30.96 -21.33
N VAL C 227 24.99 32.18 -21.82
CA VAL C 227 23.95 33.00 -21.19
C VAL C 227 22.59 32.32 -21.25
N ILE C 228 22.21 31.77 -22.42
CA ILE C 228 20.90 31.14 -22.56
C ILE C 228 20.77 29.93 -21.62
N SER C 229 21.82 29.07 -21.55
CA SER C 229 21.76 27.89 -20.71
C SER C 229 21.65 28.26 -19.23
N LEU C 230 22.48 29.22 -18.78
CA LEU C 230 22.46 29.64 -17.39
C LEU C 230 21.12 30.30 -17.05
N GLY C 231 20.62 31.15 -17.95
CA GLY C 231 19.32 31.79 -17.76
C GLY C 231 18.19 30.79 -17.67
N SER C 232 18.25 29.73 -18.49
CA SER C 232 17.23 28.69 -18.44
C SER C 232 17.26 27.97 -17.10
N ILE C 233 18.48 27.71 -16.59
CA ILE C 233 18.61 27.06 -15.28
C ILE C 233 18.02 27.95 -14.18
N VAL C 234 18.35 29.25 -14.22
CA VAL C 234 17.85 30.20 -13.22
C VAL C 234 16.33 30.34 -13.28
N ILE C 235 15.77 30.44 -14.50
CA ILE C 235 14.32 30.56 -14.66
C ILE C 235 13.62 29.31 -14.16
N PHE C 236 14.20 28.13 -14.45
CA PHE C 236 13.62 26.87 -13.97
C PHE C 236 13.63 26.82 -12.43
N PHE C 237 14.72 27.28 -11.81
CA PHE C 237 14.80 27.33 -10.35
C PHE C 237 13.74 28.25 -9.75
N ILE C 238 13.59 29.46 -10.31
CA ILE C 238 12.60 30.42 -9.79
C ILE C 238 11.18 29.86 -9.98
N LEU C 239 10.91 29.24 -11.14
CA LEU C 239 9.60 28.67 -11.44
C LEU C 239 9.29 27.52 -10.49
N ASN C 240 10.29 26.69 -10.19
CA ASN C 240 10.13 25.60 -9.23
C ASN C 240 9.78 26.13 -7.85
N ILE C 241 10.47 27.19 -7.41
CA ILE C 241 10.20 27.78 -6.09
C ILE C 241 8.77 28.32 -6.04
N LEU C 242 8.35 28.98 -7.12
CA LEU C 242 7.02 29.56 -7.19
C LEU C 242 5.95 28.47 -7.20
N TYR C 243 6.20 27.36 -7.91
CA TYR C 243 5.18 26.32 -7.95
C TYR C 243 5.12 25.58 -6.62
N VAL C 244 6.28 25.39 -5.96
CA VAL C 244 6.30 24.63 -4.71
C VAL C 244 5.61 25.43 -3.61
N ALA C 245 5.57 26.75 -3.74
CA ALA C 245 4.95 27.50 -2.67
C ALA C 245 3.48 27.77 -2.96
N LYS C 246 2.98 27.35 -4.13
CA LYS C 246 1.60 27.57 -4.51
C LYS C 246 0.81 26.32 -4.85
N LYS C 247 1.41 25.13 -4.84
CA LYS C 247 0.64 23.93 -5.21
C LYS C 247 -0.07 23.34 -3.99
N ASP C 248 -1.25 22.77 -4.22
CA ASP C 248 -2.02 22.13 -3.16
C ASP C 248 -2.25 20.65 -3.45
N ILE C 249 -2.05 19.82 -2.42
CA ILE C 249 -2.30 18.38 -2.56
C ILE C 249 -3.74 18.08 -2.23
N MET D 1 -3.16 27.16 16.57
CA MET D 1 -4.09 26.69 15.55
C MET D 1 -5.53 27.13 15.67
N LYS D 2 -5.88 28.26 15.06
CA LYS D 2 -7.23 28.76 15.12
C LYS D 2 -7.65 29.07 13.70
N LEU D 3 -8.94 28.88 13.43
CA LEU D 3 -9.59 29.27 12.18
C LEU D 3 -10.71 30.25 12.44
N GLU D 4 -10.72 31.36 11.70
CA GLU D 4 -11.73 32.40 11.82
C GLU D 4 -12.20 32.72 10.41
N HIS D 5 -13.50 32.50 10.17
CA HIS D 5 -14.21 32.82 8.92
C HIS D 5 -13.55 32.17 7.70
N ILE D 6 -13.45 30.85 7.74
CA ILE D 6 -12.79 30.08 6.69
C ILE D 6 -13.84 29.50 5.75
N THR D 7 -13.70 29.77 4.45
CA THR D 7 -14.57 29.21 3.44
C THR D 7 -13.71 28.73 2.28
N LYS D 8 -13.89 27.46 1.89
CA LYS D 8 -13.10 26.89 0.81
C LYS D 8 -14.04 26.21 -0.18
N LYS D 9 -13.84 26.48 -1.46
CA LYS D 9 -14.69 25.94 -2.51
C LYS D 9 -13.83 25.25 -3.57
N TYR D 10 -14.34 24.12 -4.09
CA TYR D 10 -13.75 23.38 -5.20
C TYR D 10 -14.70 23.44 -6.39
N GLY D 11 -14.49 24.40 -7.30
CA GLY D 11 -15.43 24.52 -8.40
C GLY D 11 -16.76 25.01 -7.87
N SER D 12 -17.78 24.16 -8.02
CA SER D 12 -19.09 24.44 -7.50
C SER D 12 -19.39 23.67 -6.21
N ASN D 13 -18.40 22.97 -5.65
CA ASN D 13 -18.62 22.19 -4.43
C ASN D 13 -18.05 22.94 -3.23
N VAL D 14 -18.90 23.28 -2.27
CA VAL D 14 -18.47 24.06 -1.11
C VAL D 14 -18.10 23.10 0.02
N VAL D 15 -16.82 23.06 0.39
CA VAL D 15 -16.39 22.14 1.46
C VAL D 15 -16.49 22.79 2.84
N LEU D 16 -15.95 24.00 3.01
CA LEU D 16 -15.98 24.67 4.31
C LEU D 16 -16.76 25.98 4.19
N ASN D 17 -17.60 26.24 5.19
CA ASN D 17 -18.49 27.41 5.17
C ASN D 17 -18.48 28.11 6.54
N ASP D 18 -17.55 29.06 6.71
CA ASP D 18 -17.49 29.94 7.90
C ASP D 18 -17.38 29.14 9.20
N ILE D 19 -16.25 28.46 9.37
CA ILE D 19 -16.02 27.64 10.54
C ILE D 19 -15.06 28.34 11.50
N ASP D 20 -15.38 28.31 12.79
CA ASP D 20 -14.52 28.86 13.82
C ASP D 20 -14.05 27.74 14.72
N PHE D 21 -12.83 27.86 15.24
CA PHE D 21 -12.34 26.84 16.13
C PHE D 21 -11.36 27.51 17.10
N ASP D 22 -11.35 27.08 18.36
CA ASP D 22 -10.46 27.66 19.37
C ASP D 22 -10.26 26.67 20.52
N PHE D 23 -9.01 26.56 20.98
CA PHE D 23 -8.73 25.73 22.16
C PHE D 23 -8.97 26.54 23.44
N GLY D 24 -10.19 26.47 23.96
CA GLY D 24 -10.49 27.22 25.17
C GLY D 24 -10.56 26.27 26.34
N ASP D 25 -9.50 26.24 27.17
CA ASP D 25 -9.37 25.43 28.38
C ASP D 25 -9.57 23.94 28.13
N SER D 26 -9.26 23.44 26.94
CA SER D 26 -9.42 22.03 26.64
C SER D 26 -8.15 21.43 26.06
N ARG D 27 -7.91 20.16 26.41
CA ARG D 27 -6.71 19.43 26.02
C ARG D 27 -6.91 18.42 24.91
N ILE D 28 -7.99 17.64 24.93
CA ILE D 28 -8.22 16.62 23.90
C ILE D 28 -9.54 16.94 23.23
N VAL D 29 -9.53 17.06 21.91
CA VAL D 29 -10.75 17.37 21.17
C VAL D 29 -10.94 16.28 20.12
N GLY D 30 -12.19 15.95 19.84
CA GLY D 30 -12.51 14.94 18.85
C GLY D 30 -13.31 15.57 17.72
N LEU D 31 -13.03 15.15 16.50
CA LEU D 31 -13.73 15.68 15.32
C LEU D 31 -14.51 14.54 14.70
N ILE D 32 -15.84 14.69 14.59
CA ILE D 32 -16.70 13.61 14.09
C ILE D 32 -17.58 14.09 12.95
N GLY D 33 -17.65 13.28 11.89
CA GLY D 33 -18.46 13.56 10.72
C GLY D 33 -18.49 12.31 9.86
N LYS D 34 -19.06 12.45 8.66
CA LYS D 34 -19.08 11.27 7.81
C LYS D 34 -17.84 11.21 6.91
N ASN D 35 -17.88 10.27 5.97
CA ASN D 35 -16.81 10.10 4.98
C ASN D 35 -17.03 10.95 3.74
N GLY D 36 -16.01 11.71 3.37
CA GLY D 36 -16.04 12.63 2.25
C GLY D 36 -16.79 13.91 2.48
N VAL D 37 -16.94 14.32 3.75
CA VAL D 37 -17.63 15.54 4.10
C VAL D 37 -16.63 16.68 4.05
N GLY D 38 -15.34 16.34 4.17
CA GLY D 38 -14.27 17.30 4.07
C GLY D 38 -13.51 17.35 5.37
N LYS D 39 -13.43 16.19 6.05
CA LYS D 39 -12.67 16.11 7.28
C LYS D 39 -11.19 16.19 6.99
N THR D 40 -10.73 15.44 5.99
CA THR D 40 -9.32 15.44 5.60
C THR D 40 -8.94 16.82 5.05
N THR D 41 -9.90 17.52 4.43
CA THR D 41 -9.68 18.89 3.99
C THR D 41 -9.44 19.80 5.19
N VAL D 42 -10.23 19.62 6.27
CA VAL D 42 -10.01 20.38 7.50
C VAL D 42 -8.62 20.07 8.08
N MET D 43 -8.23 18.79 8.06
CA MET D 43 -6.93 18.39 8.57
C MET D 43 -5.79 19.02 7.78
N LYS D 44 -5.91 19.04 6.46
CA LYS D 44 -4.90 19.65 5.62
C LYS D 44 -4.80 21.15 5.86
N VAL D 45 -5.96 21.81 6.03
CA VAL D 45 -5.97 23.25 6.35
C VAL D 45 -5.33 23.49 7.70
N MET D 46 -5.68 22.65 8.68
CA MET D 46 -5.13 22.71 10.04
C MET D 46 -3.66 22.35 10.08
N ASN D 47 -3.19 21.60 9.10
CA ASN D 47 -1.80 21.14 9.07
C ASN D 47 -0.95 22.22 8.41
N GLY D 48 -1.30 22.57 7.18
CA GLY D 48 -0.57 23.54 6.39
C GLY D 48 -0.43 23.13 4.94
N ASN D 49 -0.90 21.93 4.58
CA ASN D 49 -0.82 21.40 3.22
C ASN D 49 -1.61 22.23 2.22
N ILE D 50 -2.83 22.66 2.54
CA ILE D 50 -3.61 23.48 1.62
C ILE D 50 -3.12 24.89 1.85
N ILE D 51 -3.06 25.70 0.79
CA ILE D 51 -2.53 27.05 0.85
C ILE D 51 -3.63 28.09 0.66
N LYS D 52 -4.68 27.76 -0.08
CA LYS D 52 -5.74 28.72 -0.32
C LYS D 52 -6.84 28.59 0.72
N PHE D 53 -6.52 29.00 1.95
CA PHE D 53 -7.40 29.04 3.10
C PHE D 53 -8.57 30.02 2.94
N ASP D 54 -8.38 31.21 2.35
CA ASP D 54 -9.37 32.32 2.33
C ASP D 54 -9.84 32.79 3.71
N GLY D 55 -8.87 33.10 4.57
CA GLY D 55 -9.21 33.53 5.91
C GLY D 55 -7.96 34.01 6.64
N LYS D 56 -7.96 33.87 7.96
CA LYS D 56 -6.83 34.33 8.76
C LYS D 56 -6.42 33.23 9.74
N VAL D 57 -5.12 33.00 9.86
CA VAL D 57 -4.56 32.05 10.83
C VAL D 57 -3.44 32.75 11.60
N ASP D 58 -3.54 32.74 12.92
CA ASP D 58 -2.58 33.40 13.80
C ASP D 58 -1.74 32.33 14.49
N ILE D 59 -0.47 32.21 14.07
CA ILE D 59 0.44 31.20 14.59
C ILE D 59 1.74 31.84 15.04
N ASP D 60 2.14 31.52 16.27
CA ASP D 60 3.43 31.91 16.83
C ASP D 60 4.49 30.99 16.22
N ASN D 61 5.67 31.54 15.94
CA ASN D 61 6.73 30.77 15.30
C ASN D 61 7.35 29.75 16.26
N ALA D 62 7.34 30.02 17.56
CA ALA D 62 7.96 29.10 18.52
C ALA D 62 7.19 27.78 18.67
N ASP D 63 5.91 27.72 18.32
CA ASP D 63 5.19 26.47 18.51
C ASP D 63 5.41 25.50 17.34
N ASN D 64 5.70 24.25 17.70
CA ASN D 64 5.92 23.15 16.78
C ASN D 64 4.61 22.40 16.54
N ILE D 65 4.45 21.84 15.35
CA ILE D 65 3.24 21.11 14.97
C ILE D 65 3.61 19.70 14.53
N GLY D 66 2.98 18.71 15.14
CA GLY D 66 3.10 17.32 14.75
C GLY D 66 1.78 16.71 14.29
N PHE D 67 1.85 15.87 13.25
CA PHE D 67 0.62 15.42 12.63
C PHE D 67 0.79 13.99 12.11
N LEU D 68 -0.35 13.33 11.91
CA LEU D 68 -0.47 12.05 11.25
C LEU D 68 -1.70 12.09 10.36
N ILE D 69 -1.53 11.79 9.07
CA ILE D 69 -2.60 11.89 8.08
C ILE D 69 -2.75 10.47 7.52
N GLU D 70 -3.88 10.18 6.84
CA GLU D 70 -4.65 8.93 6.85
C GLU D 70 -3.91 7.61 7.03
N HIS D 71 -2.76 7.43 6.39
CA HIS D 71 -2.04 6.17 6.47
C HIS D 71 -0.59 6.55 6.77
N PRO D 72 0.18 5.67 7.44
CA PRO D 72 1.57 6.06 7.76
C PRO D 72 2.39 6.23 6.49
N LYS D 73 3.33 7.16 6.54
CA LYS D 73 4.29 7.37 5.46
C LYS D 73 5.68 7.17 6.00
N LEU D 74 6.38 6.15 5.50
CA LEU D 74 7.67 5.79 6.03
C LEU D 74 8.56 5.35 4.88
N TYR D 75 9.83 5.13 5.20
CA TYR D 75 10.81 4.62 4.26
C TYR D 75 10.85 3.11 4.40
N ASP D 76 10.47 2.40 3.33
CA ASP D 76 10.24 0.96 3.46
C ASP D 76 11.54 0.19 3.57
N ASN D 77 12.56 0.56 2.80
CA ASN D 77 13.79 -0.23 2.78
C ASN D 77 14.63 -0.02 4.03
N LYS D 78 14.40 1.07 4.77
CA LYS D 78 15.19 1.43 5.94
C LYS D 78 14.48 1.04 7.23
N SER D 79 15.28 1.01 8.31
CA SER D 79 14.80 0.60 9.62
C SER D 79 14.07 1.71 10.38
N GLY D 80 13.40 1.28 11.45
CA GLY D 80 12.63 2.18 12.29
C GLY D 80 13.48 3.21 13.01
N LEU D 81 14.65 2.78 13.52
CA LEU D 81 15.57 3.70 14.18
C LEU D 81 16.08 4.77 13.20
N TYR D 82 16.31 4.38 11.95
CA TYR D 82 16.70 5.32 10.91
C TYR D 82 15.59 6.35 10.71
N ASN D 83 14.33 5.89 10.67
CA ASN D 83 13.22 6.82 10.52
C ASN D 83 13.12 7.78 11.70
N LEU D 84 13.29 7.26 12.93
CA LEU D 84 13.25 8.09 14.13
C LEU D 84 14.33 9.16 14.11
N LYS D 85 15.58 8.76 13.79
CA LYS D 85 16.70 9.70 13.74
C LYS D 85 16.49 10.75 12.66
N LEU D 86 16.03 10.33 11.48
CA LEU D 86 15.80 11.24 10.36
C LEU D 86 14.73 12.28 10.67
N PHE D 87 13.60 11.86 11.24
CA PHE D 87 12.56 12.84 11.50
C PHE D 87 12.88 13.69 12.71
N ALA D 88 13.79 13.21 13.59
CA ALA D 88 14.26 14.04 14.68
C ALA D 88 15.22 15.11 14.18
N GLN D 89 16.09 14.77 13.23
CA GLN D 89 17.03 15.78 12.73
C GLN D 89 16.35 16.75 11.79
N VAL D 90 15.42 16.26 10.97
CA VAL D 90 14.85 17.09 9.92
C VAL D 90 13.73 17.98 10.46
N LEU D 91 12.81 17.42 11.25
CA LEU D 91 11.71 18.27 11.69
C LEU D 91 11.95 18.90 13.06
N GLY D 92 12.53 18.18 13.99
CA GLY D 92 12.72 18.69 15.33
C GLY D 92 13.99 19.50 15.46
N LYS D 93 14.29 19.87 16.70
CA LYS D 93 15.50 20.61 17.00
C LYS D 93 16.75 19.73 16.93
N GLY D 94 16.59 18.44 17.16
CA GLY D 94 17.72 17.53 17.20
C GLY D 94 17.26 16.17 17.68
N PHE D 95 18.23 15.40 18.15
CA PHE D 95 17.97 14.07 18.69
C PHE D 95 18.52 14.00 20.11
N ASP D 96 17.69 13.53 21.04
CA ASP D 96 18.12 13.29 22.41
C ASP D 96 17.72 11.87 22.82
N LYS D 97 18.66 11.20 23.49
CA LYS D 97 18.52 9.77 23.79
C LYS D 97 17.48 9.56 24.87
N ALA D 98 17.46 10.44 25.88
CA ALA D 98 16.58 10.22 27.04
C ALA D 98 15.13 10.34 26.61
N TYR D 99 14.82 11.38 25.83
CA TYR D 99 13.46 11.60 25.37
C TYR D 99 13.00 10.48 24.46
N THR D 100 13.85 10.10 23.47
CA THR D 100 13.46 9.00 22.59
C THR D 100 13.35 7.66 23.32
N ASP D 101 14.25 7.37 24.28
CA ASP D 101 14.17 6.10 25.01
C ASP D 101 12.91 6.02 25.87
N LYS D 102 12.56 7.13 26.55
CA LYS D 102 11.33 7.15 27.33
C LYS D 102 10.09 6.99 26.45
N ILE D 103 10.05 7.65 25.30
CA ILE D 103 8.92 7.46 24.37
C ILE D 103 8.84 6.02 23.86
N ILE D 104 9.98 5.46 23.46
CA ILE D 104 10.04 4.12 22.88
C ILE D 104 9.62 3.07 23.91
N ASP D 105 10.10 3.19 25.16
CA ASP D 105 9.81 2.26 26.24
C ASP D 105 8.34 2.27 26.65
N ALA D 106 7.73 3.46 26.70
CA ALA D 106 6.33 3.54 27.09
C ALA D 106 5.41 2.92 26.05
N PHE D 107 5.67 3.17 24.75
CA PHE D 107 4.80 2.58 23.74
C PHE D 107 5.00 1.08 23.67
N GLY D 108 6.24 0.62 23.81
CA GLY D 108 6.51 -0.80 23.81
C GLY D 108 7.02 -1.42 22.53
N MET D 109 7.71 -0.67 21.69
CA MET D 109 8.21 -1.23 20.43
C MET D 109 9.71 -1.48 20.46
N ARG D 110 10.28 -1.55 21.67
CA ARG D 110 11.72 -1.77 21.87
C ARG D 110 12.23 -3.08 21.27
N PRO D 111 11.57 -4.27 21.44
CA PRO D 111 12.11 -5.52 20.87
C PRO D 111 12.25 -5.43 19.37
N TYR D 112 11.39 -4.67 18.70
CA TYR D 112 11.41 -4.69 17.26
C TYR D 112 11.74 -3.30 16.72
N ILE D 113 12.40 -2.46 17.54
CA ILE D 113 12.75 -1.13 17.04
C ILE D 113 13.94 -1.22 16.08
N LYS D 114 14.67 -2.32 16.12
CA LYS D 114 15.82 -2.49 15.24
C LYS D 114 15.51 -3.42 14.05
N LYS D 115 14.27 -3.88 13.93
CA LYS D 115 13.88 -4.70 12.79
C LYS D 115 13.45 -3.81 11.62
N LYS D 116 13.44 -4.41 10.43
CA LYS D 116 13.07 -3.66 9.24
C LYS D 116 11.56 -3.44 9.19
N VAL D 117 11.15 -2.24 8.75
CA VAL D 117 9.74 -1.85 8.71
C VAL D 117 8.95 -2.71 7.71
N LYS D 118 9.64 -3.28 6.70
CA LYS D 118 9.01 -4.14 5.72
C LYS D 118 8.39 -5.38 6.36
N LYS D 119 8.91 -5.80 7.51
CA LYS D 119 8.40 -6.98 8.18
C LYS D 119 7.35 -6.64 9.23
N TYR D 120 7.02 -5.36 9.41
CA TYR D 120 6.06 -4.98 10.45
C TYR D 120 4.63 -5.31 10.02
N SER D 121 3.73 -5.25 10.99
CA SER D 121 2.30 -5.33 10.72
C SER D 121 1.70 -3.93 10.72
N MET D 122 0.40 -3.88 10.43
CA MET D 122 -0.32 -2.62 10.32
C MET D 122 -0.38 -1.85 11.64
N GLY D 123 -0.72 -2.53 12.74
CA GLY D 123 -0.75 -1.85 14.04
C GLY D 123 0.62 -1.40 14.51
N MET D 124 1.66 -2.20 14.21
CA MET D 124 3.02 -1.80 14.56
C MET D 124 3.45 -0.58 13.77
N LYS D 125 3.07 -0.50 12.48
CA LYS D 125 3.47 0.67 11.71
C LYS D 125 2.68 1.89 12.16
N GLN D 126 1.43 1.71 12.57
CA GLN D 126 0.63 2.84 13.03
C GLN D 126 1.20 3.41 14.32
N LYS D 127 1.59 2.52 15.24
CA LYS D 127 2.20 2.94 16.50
C LYS D 127 3.54 3.62 16.26
N LEU D 128 4.35 3.09 15.33
CA LEU D 128 5.62 3.71 14.97
C LEU D 128 5.40 5.08 14.34
N ALA D 129 4.33 5.22 13.55
CA ALA D 129 3.97 6.50 12.95
C ALA D 129 3.63 7.52 14.03
N ILE D 130 2.92 7.09 15.06
CA ILE D 130 2.58 7.96 16.18
C ILE D 130 3.88 8.39 16.89
N ALA D 131 4.82 7.46 17.04
CA ALA D 131 6.11 7.78 17.65
C ALA D 131 6.90 8.79 16.81
N VAL D 132 6.86 8.64 15.48
CA VAL D 132 7.51 9.57 14.56
C VAL D 132 6.89 10.97 14.70
N SER D 133 5.57 11.01 14.85
CA SER D 133 4.87 12.27 15.09
C SER D 133 5.35 12.91 16.39
N LEU D 134 5.57 12.11 17.44
CA LEU D 134 6.02 12.68 18.71
C LEU D 134 7.48 13.13 18.65
N MET D 135 8.27 12.56 17.72
CA MET D 135 9.69 12.90 17.57
C MET D 135 9.96 14.36 17.26
N ASN D 136 8.97 15.07 16.70
CA ASN D 136 8.97 16.46 16.28
C ASN D 136 9.07 17.43 17.46
N LYS D 137 8.86 16.95 18.69
CA LYS D 137 8.67 17.77 19.89
C LYS D 137 7.55 18.81 19.70
N PRO D 138 6.33 18.38 19.36
CA PRO D 138 5.35 19.37 18.90
C PRO D 138 4.71 20.07 20.08
N LYS D 139 4.05 21.19 19.81
CA LYS D 139 3.20 21.77 20.82
C LYS D 139 1.74 21.38 20.65
N PHE D 140 1.35 21.05 19.41
CA PHE D 140 0.02 20.58 19.04
C PHE D 140 0.15 19.32 18.17
N LEU D 141 -0.53 18.26 18.56
CA LEU D 141 -0.54 16.99 17.85
C LEU D 141 -1.91 16.76 17.20
N ILE D 142 -1.90 16.44 15.91
CA ILE D 142 -3.09 16.31 15.05
C ILE D 142 -3.08 14.94 14.39
N LEU D 143 -3.90 14.00 14.90
CA LEU D 143 -3.89 12.62 14.42
C LEU D 143 -5.19 12.23 13.70
N ASP D 144 -5.01 11.60 12.53
CA ASP D 144 -6.10 11.17 11.64
C ASP D 144 -6.20 9.65 11.67
N GLU D 145 -7.23 9.17 12.37
CA GLU D 145 -7.50 7.75 12.58
C GLU D 145 -6.32 6.93 13.09
N PRO D 146 -5.92 7.13 14.35
CA PRO D 146 -4.70 6.48 14.86
C PRO D 146 -4.91 5.04 15.24
N THR D 147 -6.17 4.61 15.36
CA THR D 147 -6.62 3.34 15.91
C THR D 147 -7.49 2.52 14.96
N ASN D 148 -7.05 2.34 13.70
CA ASN D 148 -7.88 1.62 12.74
C ASN D 148 -7.46 0.16 12.61
N GLY D 149 -6.17 -0.15 12.64
CA GLY D 149 -5.81 -1.55 12.53
C GLY D 149 -5.51 -2.38 13.76
N MET D 150 -5.91 -1.96 14.96
CA MET D 150 -5.56 -2.70 16.15
C MET D 150 -6.80 -3.14 16.91
N ASP D 151 -6.63 -4.21 17.67
CA ASP D 151 -7.69 -4.79 18.47
C ASP D 151 -8.04 -3.86 19.64
N PRO D 152 -9.25 -4.02 20.24
CA PRO D 152 -9.68 -3.09 21.31
C PRO D 152 -8.76 -2.93 22.50
N ASP D 153 -8.15 -3.99 23.05
CA ASP D 153 -7.27 -3.83 24.20
C ASP D 153 -6.00 -3.05 23.80
N GLY D 154 -5.46 -3.34 22.62
CA GLY D 154 -4.32 -2.59 22.10
C GLY D 154 -4.65 -1.13 21.89
N SER D 155 -5.85 -0.86 21.36
CA SER D 155 -6.34 0.50 21.17
C SER D 155 -6.44 1.24 22.48
N ILE D 156 -6.96 0.56 23.51
CA ILE D 156 -7.11 1.12 24.84
C ILE D 156 -5.73 1.46 25.40
N ASP D 157 -4.78 0.54 25.23
CA ASP D 157 -3.41 0.72 25.72
C ASP D 157 -2.76 1.94 25.05
N VAL D 158 -2.94 2.07 23.73
CA VAL D 158 -2.36 3.18 22.97
C VAL D 158 -2.97 4.51 23.44
N LEU D 159 -4.29 4.53 23.64
CA LEU D 159 -4.97 5.75 24.09
C LEU D 159 -4.53 6.14 25.50
N THR D 160 -4.36 5.15 26.40
CA THR D 160 -3.90 5.44 27.76
C THR D 160 -2.50 6.02 27.74
N THR D 161 -1.62 5.45 26.89
CA THR D 161 -0.27 5.99 26.76
C THR D 161 -0.31 7.42 26.22
N ILE D 162 -1.20 7.68 25.25
CA ILE D 162 -1.32 9.01 24.66
C ILE D 162 -1.77 10.03 25.71
N LYS D 163 -2.79 9.70 26.52
CA LYS D 163 -3.23 10.62 27.57
C LYS D 163 -2.14 10.83 28.60
N SER D 164 -1.41 9.75 28.95
CA SER D 164 -0.37 9.89 29.94
C SER D 164 0.71 10.84 29.42
N LEU D 165 1.06 10.75 28.11
CA LEU D 165 2.07 11.69 27.67
C LEU D 165 1.51 13.10 27.60
N VAL D 166 0.16 13.22 27.55
CA VAL D 166 -0.47 14.52 27.49
C VAL D 166 -0.28 15.18 28.85
N ASN D 167 -0.16 14.35 29.88
CA ASN D 167 -0.12 14.92 31.21
C ASN D 167 1.31 15.16 31.66
N GLU D 168 2.24 14.22 31.40
CA GLU D 168 3.62 14.51 31.81
C GLU D 168 4.25 15.63 30.97
N LEU D 169 3.79 15.80 29.71
CA LEU D 169 4.30 16.87 28.89
C LEU D 169 3.17 17.57 28.14
N ASP D 170 3.12 18.90 28.28
CA ASP D 170 2.02 19.72 27.76
C ASP D 170 1.85 19.70 26.24
N MET D 171 0.78 19.05 25.82
CA MET D 171 0.29 18.67 24.49
C MET D 171 -1.20 18.88 24.39
N ARG D 172 -1.62 19.29 23.20
CA ARG D 172 -3.03 19.38 22.86
C ARG D 172 -3.23 18.43 21.68
N ILE D 173 -4.26 17.60 21.76
CA ILE D 173 -4.52 16.56 20.78
C ILE D 173 -5.82 16.83 20.05
N LEU D 174 -5.80 16.68 18.73
CA LEU D 174 -7.03 16.65 17.95
C LEU D 174 -7.12 15.28 17.29
N ILE D 175 -8.21 14.55 17.57
CA ILE D 175 -8.39 13.19 17.07
C ILE D 175 -9.67 13.11 16.27
N SER D 176 -9.56 12.69 15.02
CA SER D 176 -10.71 12.30 14.24
C SER D 176 -10.53 10.81 14.02
N SER D 177 -11.51 10.02 14.41
CA SER D 177 -11.39 8.58 14.25
C SER D 177 -12.79 8.02 14.34
N HIS D 178 -13.02 6.91 13.67
CA HIS D 178 -14.21 6.17 14.03
C HIS D 178 -13.98 5.34 15.29
N LYS D 179 -14.93 4.44 15.52
CA LYS D 179 -15.10 3.59 16.71
C LYS D 179 -15.15 4.56 17.88
N LEU D 180 -16.20 5.38 17.85
CA LEU D 180 -16.36 6.51 18.76
C LEU D 180 -16.46 6.10 20.23
N GLU D 181 -16.84 4.85 20.50
CA GLU D 181 -16.90 4.41 21.89
C GLU D 181 -15.52 4.40 22.53
N ASP D 182 -14.45 4.22 21.75
CA ASP D 182 -13.11 4.29 22.32
C ASP D 182 -12.67 5.72 22.58
N ILE D 183 -13.15 6.67 21.76
CA ILE D 183 -12.79 8.07 21.94
C ILE D 183 -13.47 8.62 23.19
N GLU D 184 -14.74 8.23 23.44
CA GLU D 184 -15.48 8.78 24.58
C GLU D 184 -14.89 8.43 25.95
N LEU D 185 -14.05 7.37 26.05
CA LEU D 185 -13.41 7.05 27.34
C LEU D 185 -12.47 8.15 27.80
N ILE D 186 -11.61 8.62 26.90
CA ILE D 186 -10.64 9.68 27.17
C ILE D 186 -10.70 10.68 26.02
N CYS D 187 -11.28 11.83 26.31
CA CYS D 187 -11.48 12.99 25.45
C CYS D 187 -12.01 14.09 26.38
N ASP D 188 -11.71 15.33 26.03
CA ASP D 188 -12.28 16.43 26.79
C ASP D 188 -13.43 17.14 26.08
N ARG D 189 -13.40 17.28 24.75
CA ARG D 189 -14.51 17.94 24.08
C ARG D 189 -14.67 17.35 22.69
N ALA D 190 -15.85 17.50 22.08
CA ALA D 190 -16.11 16.99 20.74
C ALA D 190 -16.79 18.01 19.86
N VAL D 191 -16.41 18.00 18.58
CA VAL D 191 -17.02 18.87 17.57
C VAL D 191 -17.57 18.01 16.44
N PHE D 192 -18.78 18.34 16.02
CA PHE D 192 -19.51 17.61 14.98
C PHE D 192 -19.54 18.45 13.71
N LEU D 193 -19.19 17.83 12.59
CA LEU D 193 -19.09 18.51 11.31
C LEU D 193 -20.26 18.04 10.46
N ARG D 194 -21.05 19.00 9.96
CA ARG D 194 -22.21 18.70 9.13
C ARG D 194 -22.44 19.89 8.21
N ASP D 195 -22.60 19.59 6.92
CA ASP D 195 -22.95 20.53 5.83
C ASP D 195 -21.90 21.64 5.70
N GLY D 196 -20.66 21.32 6.07
CA GLY D 196 -19.59 22.27 5.94
C GLY D 196 -19.36 23.15 7.15
N HIS D 197 -20.15 23.00 8.22
CA HIS D 197 -19.97 23.82 9.40
C HIS D 197 -19.90 22.93 10.64
N PHE D 198 -19.27 23.45 11.70
CA PHE D 198 -19.25 22.79 12.99
C PHE D 198 -20.59 23.04 13.66
N VAL D 199 -21.51 22.08 13.54
CA VAL D 199 -22.87 22.24 14.00
C VAL D 199 -22.99 22.24 15.52
N GLN D 200 -22.30 21.31 16.20
CA GLN D 200 -22.46 21.22 17.65
C GLN D 200 -21.12 21.05 18.33
N ASP D 201 -20.96 21.71 19.48
CA ASP D 201 -19.81 21.53 20.34
C ASP D 201 -20.25 21.15 21.75
N VAL D 202 -19.78 20.00 22.22
CA VAL D 202 -20.24 19.48 23.50
C VAL D 202 -19.05 19.26 24.43
N ASN D 203 -19.15 19.84 25.62
CA ASN D 203 -18.18 19.66 26.70
C ASN D 203 -18.86 18.72 27.68
N MET D 204 -18.27 17.55 27.93
CA MET D 204 -19.06 16.55 28.64
C MET D 204 -19.08 16.78 30.15
N GLU D 205 -18.07 17.45 30.71
CA GLU D 205 -18.00 17.59 32.16
C GLU D 205 -19.14 18.48 32.65
N GLU D 206 -19.40 19.57 31.94
CA GLU D 206 -20.39 20.58 32.27
C GLU D 206 -21.78 20.06 31.94
N GLY D 207 -21.87 19.15 30.97
CA GLY D 207 -23.07 18.50 30.47
C GLY D 207 -24.03 19.33 29.63
N VAL D 208 -25.15 18.70 29.33
CA VAL D 208 -26.25 19.25 28.54
C VAL D 208 -27.45 19.14 29.48
N ALA D 209 -28.54 19.85 29.18
CA ALA D 209 -29.64 19.77 30.13
C ALA D 209 -30.44 18.49 29.95
N SER D 210 -30.24 17.77 28.85
CA SER D 210 -31.02 16.54 28.71
C SER D 210 -30.51 15.41 29.59
N ASP D 211 -29.23 15.44 30.01
CA ASP D 211 -28.68 14.42 30.90
C ASP D 211 -29.33 14.56 32.28
N THR D 212 -29.71 13.43 32.85
CA THR D 212 -30.42 13.38 34.12
C THR D 212 -29.83 12.25 34.95
N THR D 213 -29.95 12.35 36.26
CA THR D 213 -29.58 11.25 37.14
C THR D 213 -30.77 10.96 38.03
N ILE D 214 -31.22 9.71 38.06
CA ILE D 214 -32.44 9.36 38.75
C ILE D 214 -32.06 8.65 40.04
N VAL D 215 -32.55 9.22 41.14
CA VAL D 215 -32.37 8.71 42.50
C VAL D 215 -33.74 8.43 43.08
N THR D 216 -33.93 7.21 43.61
CA THR D 216 -35.23 6.87 44.17
C THR D 216 -34.96 6.71 45.66
N VAL D 217 -35.86 7.20 46.49
CA VAL D 217 -35.62 7.13 47.92
C VAL D 217 -36.92 6.75 48.65
N ASP D 218 -36.79 6.51 49.95
CA ASP D 218 -37.91 6.16 50.80
C ASP D 218 -38.76 7.40 51.06
N HIS D 219 -40.02 7.16 51.45
CA HIS D 219 -40.97 8.25 51.73
C HIS D 219 -40.52 9.09 52.91
N LYS D 220 -40.02 8.44 53.97
CA LYS D 220 -39.51 9.07 55.19
C LYS D 220 -38.28 9.94 54.97
N ASP D 221 -37.43 9.63 54.00
CA ASP D 221 -36.19 10.34 53.73
C ASP D 221 -36.31 11.51 52.75
N PHE D 222 -37.49 11.77 52.20
CA PHE D 222 -37.63 12.75 51.11
C PHE D 222 -37.24 14.16 51.55
N ASP D 223 -37.65 14.59 52.75
CA ASP D 223 -37.37 15.95 53.22
C ASP D 223 -35.87 16.19 53.41
N ARG D 224 -35.20 15.27 54.12
CA ARG D 224 -33.76 15.37 54.38
C ARG D 224 -32.95 15.25 53.10
N THR D 225 -33.34 14.33 52.19
CA THR D 225 -32.62 14.20 50.92
C THR D 225 -32.73 15.49 50.11
N GLU D 226 -33.94 16.07 50.06
CA GLU D 226 -34.14 17.32 49.34
C GLU D 226 -33.32 18.45 49.95
N LYS D 227 -33.25 18.50 51.29
CA LYS D 227 -32.41 19.48 51.98
C LYS D 227 -30.94 19.35 51.57
N TYR D 228 -30.39 18.12 51.59
CA TYR D 228 -28.99 17.94 51.23
C TYR D 228 -28.69 18.30 49.77
N LEU D 229 -29.57 17.85 48.85
CA LEU D 229 -29.37 18.17 47.45
C LEU D 229 -29.51 19.65 47.17
N ALA D 230 -30.47 20.32 47.84
CA ALA D 230 -30.61 21.77 47.72
C ALA D 230 -29.39 22.49 48.25
N GLU D 231 -28.75 21.95 49.29
CA GLU D 231 -27.55 22.63 49.74
C GLU D 231 -26.46 22.49 48.69
N HIS D 232 -26.17 21.26 48.26
CA HIS D 232 -25.00 20.98 47.44
C HIS D 232 -25.12 21.20 45.94
N PHE D 233 -25.97 20.47 45.20
CA PHE D 233 -26.00 20.63 43.74
C PHE D 233 -27.35 21.16 43.23
N GLN D 234 -27.44 21.29 41.91
CA GLN D 234 -28.61 21.82 41.20
C GLN D 234 -29.65 20.70 41.08
N LEU D 235 -30.92 21.03 41.33
CA LEU D 235 -32.01 20.07 41.16
C LEU D 235 -32.91 20.47 40.01
N GLN D 236 -33.14 19.57 39.05
CA GLN D 236 -33.99 19.91 37.92
C GLN D 236 -35.44 19.48 38.14
N ASN D 237 -35.72 18.20 38.33
CA ASN D 237 -37.08 17.71 38.50
C ASN D 237 -37.18 16.95 39.81
N VAL D 238 -38.26 17.22 40.54
CA VAL D 238 -38.57 16.57 41.81
C VAL D 238 -40.01 16.06 41.70
N ASP D 239 -40.24 14.78 42.04
CA ASP D 239 -41.60 14.23 41.95
C ASP D 239 -41.87 13.44 43.22
N LYS D 240 -42.71 14.03 44.08
CA LYS D 240 -43.14 13.41 45.34
C LYS D 240 -44.10 12.24 45.11
N ALA D 241 -45.01 12.35 44.13
CA ALA D 241 -45.93 11.25 43.83
C ALA D 241 -45.16 10.03 43.34
N ASP D 242 -44.23 10.25 42.44
CA ASP D 242 -43.31 9.22 41.99
C ASP D 242 -42.31 8.81 43.06
N GLY D 243 -41.88 9.74 43.92
CA GLY D 243 -40.81 9.40 44.84
C GLY D 243 -39.45 9.51 44.20
N HIS D 244 -39.40 10.07 43.00
CA HIS D 244 -38.19 10.14 42.19
C HIS D 244 -37.58 11.55 42.16
N LEU D 245 -36.27 11.62 42.36
CA LEU D 245 -35.58 12.89 42.26
C LEU D 245 -34.53 12.86 41.15
N MET D 246 -34.56 13.87 40.29
CA MET D 246 -33.66 13.99 39.15
C MET D 246 -32.61 15.03 39.53
N ILE D 247 -31.33 14.67 39.43
CA ILE D 247 -30.26 15.61 39.71
C ILE D 247 -29.31 15.63 38.50
N ASN D 248 -28.39 16.60 38.48
CA ASN D 248 -27.41 16.73 37.39
C ASN D 248 -26.48 15.52 37.40
N ALA D 249 -25.99 15.14 36.23
CA ALA D 249 -25.14 13.97 36.09
C ALA D 249 -23.81 14.11 36.83
N GLN D 250 -23.43 13.07 37.58
CA GLN D 250 -22.16 13.01 38.30
C GLN D 250 -21.48 11.70 37.91
N LYS D 251 -20.21 11.79 37.53
CA LYS D 251 -19.48 10.59 37.14
C LYS D 251 -19.18 9.67 38.32
N ASN D 252 -18.92 10.22 39.51
CA ASN D 252 -18.59 9.43 40.68
C ASN D 252 -19.72 9.50 41.68
N TYR D 253 -20.15 8.34 42.21
CA TYR D 253 -21.25 8.30 43.18
C TYR D 253 -20.78 8.25 44.64
N GLN D 254 -19.46 8.33 44.88
CA GLN D 254 -18.91 8.11 46.22
C GLN D 254 -19.37 9.16 47.20
N VAL D 255 -19.22 10.44 46.87
CA VAL D 255 -19.45 11.53 47.84
C VAL D 255 -20.94 11.58 48.15
N ILE D 256 -21.77 11.34 47.13
CA ILE D 256 -23.22 11.40 47.22
C ILE D 256 -23.67 10.34 48.21
N LEU D 257 -23.28 9.08 47.97
CA LEU D 257 -23.66 8.03 48.91
C LEU D 257 -22.97 8.19 50.27
N LYS D 258 -21.83 8.92 50.36
CA LYS D 258 -21.23 9.12 51.69
C LYS D 258 -22.15 9.97 52.54
N ALA D 259 -22.64 11.06 51.94
CA ALA D 259 -23.53 12.00 52.61
C ALA D 259 -24.85 11.35 53.00
N LEU D 260 -25.44 10.58 52.09
CA LEU D 260 -26.70 9.93 52.45
C LEU D 260 -26.49 8.83 53.48
N SER D 261 -25.40 8.06 53.41
CA SER D 261 -25.15 7.08 54.46
C SER D 261 -24.89 7.73 55.81
N GLU D 262 -24.30 8.93 55.82
CA GLU D 262 -24.18 9.69 57.06
C GLU D 262 -25.51 10.18 57.61
N LEU D 263 -26.52 10.38 56.76
CA LEU D 263 -27.80 10.79 57.33
C LEU D 263 -28.82 9.67 57.45
N ASP D 264 -28.37 8.42 57.50
CA ASP D 264 -29.17 7.17 57.62
C ASP D 264 -30.24 7.06 56.54
N ILE D 265 -29.81 7.21 55.29
CA ILE D 265 -30.70 7.17 54.14
C ILE D 265 -30.11 6.17 53.16
N TYR D 266 -30.93 5.25 52.69
CA TYR D 266 -30.47 4.26 51.73
C TYR D 266 -31.36 4.27 50.49
N PRO D 267 -30.88 4.76 49.33
CA PRO D 267 -31.74 4.83 48.14
C PRO D 267 -32.21 3.49 47.60
N LYS D 268 -33.45 3.48 47.09
CA LYS D 268 -34.01 2.27 46.47
C LYS D 268 -33.32 1.94 45.16
N TYR D 269 -33.02 2.97 44.37
CA TYR D 269 -32.49 2.79 43.02
C TYR D 269 -31.63 4.01 42.71
N ILE D 270 -30.74 3.85 41.72
CA ILE D 270 -29.89 4.90 41.17
C ILE D 270 -29.60 4.49 39.74
N GLU D 271 -29.56 5.47 38.82
CA GLU D 271 -29.26 5.19 37.43
C GLU D 271 -29.05 6.57 36.81
N THR D 272 -28.47 6.64 35.63
CA THR D 272 -28.25 7.92 34.99
C THR D 272 -28.68 7.79 33.55
N ARG D 273 -29.22 8.87 32.99
CA ARG D 273 -29.60 8.93 31.58
C ARG D 273 -28.70 10.00 31.00
N LYS D 274 -27.95 9.63 29.98
CA LYS D 274 -27.00 10.54 29.38
C LYS D 274 -27.02 10.31 27.88
N SER D 275 -26.58 11.30 27.14
CA SER D 275 -26.51 11.11 25.72
C SER D 275 -25.04 10.95 25.39
N SER D 276 -24.74 9.90 24.63
CA SER D 276 -23.37 9.59 24.32
C SER D 276 -23.10 10.16 22.95
N LEU D 277 -21.88 9.95 22.45
CA LEU D 277 -21.65 10.50 21.13
C LEU D 277 -22.36 9.68 20.07
N ARG D 278 -22.61 8.39 20.32
CA ARG D 278 -23.33 7.61 19.32
C ARG D 278 -24.78 8.07 19.23
N ASP D 279 -25.42 8.27 20.38
CA ASP D 279 -26.79 8.75 20.43
C ASP D 279 -26.93 10.15 19.86
N THR D 280 -26.04 11.07 20.26
CA THR D 280 -26.10 12.43 19.75
C THR D 280 -25.82 12.50 18.25
N TYR D 281 -24.80 11.76 17.77
CA TYR D 281 -24.45 11.75 16.36
C TYR D 281 -25.61 11.18 15.53
N PHE D 282 -26.21 10.06 15.98
CA PHE D 282 -27.32 9.48 15.23
C PHE D 282 -28.53 10.39 15.23
N ASN D 283 -28.84 11.03 16.36
CA ASN D 283 -29.97 11.95 16.42
C ASN D 283 -29.77 13.15 15.50
N ILE D 284 -28.55 13.70 15.47
CA ILE D 284 -28.28 14.85 14.60
C ILE D 284 -28.29 14.44 13.12
N ASN D 285 -27.68 13.28 12.79
CA ASN D 285 -27.47 12.87 11.42
C ASN D 285 -28.68 12.14 10.85
N GLN D 286 -29.68 11.80 11.68
CA GLN D 286 -30.90 11.21 11.15
C GLN D 286 -31.74 12.23 10.38
N ARG D 287 -31.45 13.50 10.58
CA ARG D 287 -32.07 14.66 9.94
C ARG D 287 -31.84 14.73 8.43
N GLY D 288 -30.81 14.07 7.89
CA GLY D 288 -30.61 14.13 6.46
C GLY D 288 -30.70 12.78 5.77
N ASP D 289 -30.64 11.70 6.54
CA ASP D 289 -30.75 10.39 5.91
C ASP D 289 -32.16 9.82 6.05
N LYS D 290 -32.78 10.00 7.23
CA LYS D 290 -34.12 9.49 7.47
C LYS D 290 -35.14 10.62 7.36
#